data_7C2N
#
_entry.id   7C2N
#
_cell.length_a   86.490
_cell.length_b   140.386
_cell.length_c   145.229
_cell.angle_alpha   90.000
_cell.angle_beta   90.000
_cell.angle_gamma   90.000
#
_symmetry.space_group_name_H-M   'P 21 21 21'
#
loop_
_entity.id
_entity.type
_entity.pdbx_description
1 polymer 'Drug exporters of the RND superfamily-like protein,Endolysin'
2 non-polymer 'alpha-D-glucopyranosyl 6-O-dodecyl-alpha-D-glucopyranoside'
3 non-polymer '(CARBAMOYLMETHYL-CARBOXYMETHYL-AMINO)-ACETIC ACID'
4 non-polymer "1'-(2,3-dihydro-1,4-benzodioxin-6-ylmethyl)spiro[6,7-dihydrothieno[3,2-c]pyran-4,4'-piperidine]"
#
_entity_poly.entity_id   1
_entity_poly.type   'polypeptide(L)'
_entity_poly.pdbx_seq_one_letter_code
;FQSNAMFAWWGRTVYQFRYIVIGVMVALCLGGGVYGISLGNHVTQSGFYDEGSQSVAASLIGDEVYGRDRTSHVVAILTP
PDDKKVTDKAWQKKVTEELDQVVKDHEDQIVGWVGWLKAPDTTDPTVSAMKTQDLRHTFISIPLQGDDDDEILKNYQVVE
PELQQVNGGDIRLAGLNPLASELTGTIGEDQKRAEVAAIPLVAVVLFFVFGTVIAAALPAIIGGLAIAGALGIMRLVAEF
TPVHFFAQPVVTLIGLGIAIDYGLFIVSRFREEIAEGYDTEAAVRRTVMTSGRTVVFSAVIIVASSVPLLLFPQGFLKSI
TYAIIASVMLAAILSITVLAAALAILGPRVDALGVTTLLKIPFLANWQFSRRIIDWFAEKTQKTKTREEVERGFWGRLVN
VVMKRPIAFAAPILVVMVLLIIPLGQLSLGGISEKYLPPDNAVRQSQEQFDKLFPGFRTEPLTLVMKREDGEPITDAQIA
DMRAKALTVSGFTDPDNDPEKMWKERPANDSGSKDPSVRVIQNGLENRNDAAKKIDELRALQPPHGIEVFVGGTPALEQD
SIHSLFDKLPLMALILIVTTTVLMFLAFGSVVLPIKAALMSALTLGSTMGILTWMFVDGHGSGLMNYTPQPLMAPMIGLI
IAVIWGLSTDYEVFLVSRMVEARERGMSTAEAIRIGTATTGRLITGAALILAVVAGAFVFSDLVMMKYLAFGLLIALLLD
ATIIRMFLVPAVMKLLGDDCWWAPRWMKRVQEKEFNIFEMLRIDEGLRLKIYKDTEGYYTIGIGHLLTKSPSLNAAKSEL
DKAIGRNTNGVITKDEAEKLFNQDVDAAVRGILRNAKLKPVYDSLDAVRRAALINMVFQMGETGVAGFTNSLRMLQQKRW
DEAAVNLAKSRWYNQTPNRAKRVITTFRTGTWDAYEFHLGGIKAFHHHHHHHHH
;
_entity_poly.pdbx_strand_id   A
#
# COMPACT_ATOMS: atom_id res chain seq x y z
N PHE A 1 -21.17 -6.86 9.96
CA PHE A 1 -21.18 -8.01 10.85
C PHE A 1 -19.77 -8.38 11.28
N GLN A 2 -19.38 -7.84 12.44
CA GLN A 2 -18.03 -7.93 12.96
C GLN A 2 -17.70 -9.34 13.43
N SER A 3 -16.41 -9.55 13.67
CA SER A 3 -15.93 -10.64 14.53
C SER A 3 -14.65 -10.14 15.19
N ASN A 4 -14.79 -9.59 16.38
CA ASN A 4 -13.65 -9.26 17.23
C ASN A 4 -13.27 -10.40 18.14
N ALA A 5 -14.03 -11.49 18.14
CA ALA A 5 -13.60 -12.69 18.84
C ALA A 5 -12.29 -13.23 18.28
N MET A 6 -12.10 -13.10 16.96
CA MET A 6 -10.83 -13.50 16.37
C MET A 6 -9.71 -12.56 16.78
N PHE A 7 -9.97 -11.25 16.79
CA PHE A 7 -8.94 -10.30 17.19
C PHE A 7 -8.66 -10.39 18.68
N ALA A 8 -9.68 -10.64 19.49
CA ALA A 8 -9.44 -10.88 20.91
C ALA A 8 -8.61 -12.14 21.13
N TRP A 9 -8.97 -13.22 20.43
CA TRP A 9 -8.20 -14.44 20.52
C TRP A 9 -6.75 -14.23 20.13
N TRP A 10 -6.51 -13.48 19.04
CA TRP A 10 -5.13 -13.30 18.61
C TRP A 10 -4.38 -12.36 19.54
N GLY A 11 -5.04 -11.33 20.06
CA GLY A 11 -4.38 -10.45 21.01
C GLY A 11 -3.96 -11.19 22.26
N ARG A 12 -4.74 -12.21 22.64
CA ARG A 12 -4.33 -13.04 23.77
C ARG A 12 -3.19 -13.99 23.37
N THR A 13 -3.34 -14.65 22.22
CA THR A 13 -2.40 -15.70 21.82
C THR A 13 -1.04 -15.14 21.45
N VAL A 14 -0.98 -13.92 20.92
CA VAL A 14 0.30 -13.33 20.57
C VAL A 14 1.07 -12.94 21.83
N TYR A 15 0.38 -12.54 22.88
CA TYR A 15 1.05 -12.33 24.15
C TYR A 15 1.53 -13.66 24.72
N GLN A 16 0.67 -14.67 24.68
CA GLN A 16 1.03 -15.97 25.25
C GLN A 16 2.29 -16.54 24.60
N PHE A 17 2.37 -16.48 23.27
CA PHE A 17 3.45 -17.10 22.52
C PHE A 17 4.37 -16.07 21.88
N ARG A 18 4.64 -14.97 22.58
CA ARG A 18 5.33 -13.84 21.97
C ARG A 18 6.71 -14.23 21.46
N TYR A 19 7.40 -15.12 22.17
CA TYR A 19 8.77 -15.45 21.80
C TYR A 19 8.84 -16.22 20.50
N ILE A 20 8.05 -17.29 20.35
CA ILE A 20 8.10 -18.02 19.10
C ILE A 20 7.51 -17.19 17.97
N VAL A 21 6.60 -16.27 18.27
CA VAL A 21 6.06 -15.39 17.23
C VAL A 21 7.18 -14.50 16.67
N ILE A 22 7.88 -13.78 17.55
CA ILE A 22 8.95 -12.90 17.08
C ILE A 22 10.03 -13.70 16.37
N GLY A 23 10.43 -14.83 16.96
CA GLY A 23 11.40 -15.70 16.32
C GLY A 23 11.02 -16.13 14.92
N VAL A 24 9.84 -16.75 14.77
CA VAL A 24 9.42 -17.29 13.49
C VAL A 24 9.29 -16.19 12.45
N MET A 25 8.61 -15.09 12.80
CA MET A 25 8.35 -14.07 11.80
C MET A 25 9.62 -13.36 11.38
N VAL A 26 10.50 -13.01 12.34
CA VAL A 26 11.77 -12.38 11.98
C VAL A 26 12.60 -13.32 11.13
N ALA A 27 12.66 -14.60 11.50
CA ALA A 27 13.39 -15.58 10.69
C ALA A 27 12.86 -15.62 9.26
N LEU A 28 11.54 -15.68 9.11
CA LEU A 28 10.97 -15.85 7.77
C LEU A 28 11.24 -14.64 6.89
N CYS A 29 11.07 -13.44 7.44
CA CYS A 29 11.25 -12.22 6.65
C CYS A 29 12.71 -11.94 6.35
N LEU A 30 13.61 -12.19 7.30
CA LEU A 30 15.02 -11.99 7.00
C LEU A 30 15.52 -13.01 5.99
N GLY A 31 15.02 -14.24 6.08
CA GLY A 31 15.28 -15.21 5.03
C GLY A 31 14.74 -14.76 3.69
N GLY A 32 13.55 -14.16 3.69
CA GLY A 32 13.01 -13.62 2.45
C GLY A 32 13.85 -12.49 1.90
N GLY A 33 14.46 -11.70 2.78
CA GLY A 33 15.35 -10.63 2.31
C GLY A 33 16.61 -11.17 1.68
N VAL A 34 17.21 -12.20 2.30
CA VAL A 34 18.33 -12.89 1.65
C VAL A 34 17.90 -13.46 0.31
N TYR A 35 16.70 -14.04 0.25
CA TYR A 35 16.19 -14.64 -0.97
C TYR A 35 15.90 -13.60 -2.05
N GLY A 36 15.47 -12.40 -1.66
CA GLY A 36 15.00 -11.39 -2.56
C GLY A 36 15.95 -10.23 -2.84
N ILE A 37 17.16 -10.23 -2.29
CA ILE A 37 18.15 -9.31 -2.84
C ILE A 37 18.57 -9.73 -4.24
N SER A 38 18.32 -10.99 -4.62
CA SER A 38 18.54 -11.45 -5.98
C SER A 38 17.37 -11.10 -6.90
N LEU A 39 16.40 -10.31 -6.42
CA LEU A 39 15.25 -9.97 -7.26
C LEU A 39 15.66 -9.15 -8.48
N GLY A 40 16.68 -8.31 -8.37
CA GLY A 40 17.08 -7.47 -9.47
C GLY A 40 17.63 -8.24 -10.68
N ASN A 41 17.99 -9.50 -10.49
CA ASN A 41 18.46 -10.34 -11.58
C ASN A 41 17.35 -11.17 -12.20
N HIS A 42 16.09 -10.96 -11.79
CA HIS A 42 14.98 -11.75 -12.32
C HIS A 42 13.78 -10.87 -12.61
N VAL A 43 14.00 -9.58 -12.82
CA VAL A 43 12.94 -8.68 -13.22
C VAL A 43 13.04 -8.47 -14.73
N THR A 44 11.94 -8.00 -15.31
CA THR A 44 11.85 -7.80 -16.75
C THR A 44 11.58 -6.34 -17.05
N GLN A 45 11.96 -5.93 -18.26
CA GLN A 45 11.58 -4.63 -18.80
C GLN A 45 10.35 -4.72 -19.69
N SER A 46 9.91 -5.92 -20.03
CA SER A 46 8.72 -6.11 -20.84
C SER A 46 7.47 -5.94 -19.99
N GLY A 47 6.43 -5.38 -20.60
CA GLY A 47 5.14 -5.28 -19.94
C GLY A 47 4.35 -4.04 -20.25
N PHE A 48 4.73 -3.30 -21.30
CA PHE A 48 4.07 -2.06 -21.65
C PHE A 48 3.04 -2.20 -22.76
N TYR A 49 3.00 -3.33 -23.45
CA TYR A 49 2.07 -3.56 -24.53
C TYR A 49 0.92 -4.45 -24.07
N ASP A 50 -0.05 -4.65 -24.98
CA ASP A 50 -1.16 -5.56 -24.78
C ASP A 50 -0.82 -6.83 -25.54
N GLU A 51 -0.32 -7.84 -24.81
CA GLU A 51 0.18 -9.04 -25.46
C GLU A 51 -0.93 -9.87 -26.12
N GLY A 52 -2.18 -9.49 -25.98
CA GLY A 52 -3.26 -10.07 -26.75
C GLY A 52 -3.68 -9.24 -27.94
N SER A 53 -2.98 -8.14 -28.19
CA SER A 53 -3.33 -7.21 -29.27
C SER A 53 -2.85 -7.73 -30.61
N GLN A 54 -3.39 -7.13 -31.68
CA GLN A 54 -3.01 -7.52 -33.03
C GLN A 54 -1.57 -7.13 -33.34
N SER A 55 -1.12 -5.98 -32.83
CA SER A 55 0.24 -5.54 -33.14
C SER A 55 1.27 -6.46 -32.49
N VAL A 56 0.96 -7.00 -31.31
CA VAL A 56 1.87 -7.95 -30.66
C VAL A 56 1.95 -9.24 -31.48
N ALA A 57 0.81 -9.73 -31.95
CA ALA A 57 0.80 -10.90 -32.83
C ALA A 57 1.62 -10.63 -34.10
N ALA A 58 1.45 -9.44 -34.68
CA ALA A 58 2.25 -9.05 -35.83
C ALA A 58 3.74 -9.10 -35.52
N SER A 59 4.13 -8.54 -34.37
CA SER A 59 5.53 -8.53 -33.97
C SER A 59 6.07 -9.94 -33.79
N LEU A 60 5.28 -10.82 -33.18
CA LEU A 60 5.72 -12.19 -32.94
C LEU A 60 5.91 -12.94 -34.25
N ILE A 61 4.93 -12.84 -35.16
CA ILE A 61 5.04 -13.50 -36.45
C ILE A 61 6.23 -12.93 -37.23
N GLY A 62 6.43 -11.62 -37.17
CA GLY A 62 7.54 -11.01 -37.87
C GLY A 62 8.88 -11.50 -37.36
N ASP A 63 9.07 -11.51 -36.03
CA ASP A 63 10.34 -11.96 -35.47
C ASP A 63 10.56 -13.44 -35.71
N GLU A 64 9.48 -14.23 -35.75
CA GLU A 64 9.62 -15.65 -36.07
C GLU A 64 10.09 -15.84 -37.51
N VAL A 65 9.37 -15.26 -38.46
CA VAL A 65 9.61 -15.58 -39.87
C VAL A 65 10.84 -14.87 -40.40
N TYR A 66 10.96 -13.57 -40.14
CA TYR A 66 12.06 -12.78 -40.69
C TYR A 66 13.24 -12.65 -39.76
N GLY A 67 13.05 -12.88 -38.46
CA GLY A 67 14.10 -12.67 -37.48
C GLY A 67 13.98 -11.31 -36.81
N ARG A 68 14.16 -11.27 -35.50
CA ARG A 68 14.02 -10.01 -34.77
C ARG A 68 15.03 -8.99 -35.26
N ASP A 69 14.65 -7.72 -35.23
CA ASP A 69 15.50 -6.65 -35.73
C ASP A 69 16.57 -6.34 -34.69
N ARG A 70 17.82 -6.66 -35.01
CA ARG A 70 18.96 -6.39 -34.14
C ARG A 70 19.79 -5.20 -34.59
N THR A 71 19.32 -4.45 -35.59
CA THR A 71 20.09 -3.33 -36.09
C THR A 71 20.07 -2.13 -35.14
N SER A 72 19.12 -2.07 -34.22
CA SER A 72 19.03 -0.94 -33.30
C SER A 72 19.58 -1.25 -31.92
N HIS A 73 20.23 -2.41 -31.75
CA HIS A 73 20.70 -2.81 -30.43
C HIS A 73 21.70 -1.82 -29.86
N VAL A 74 22.78 -1.56 -30.60
CA VAL A 74 23.82 -0.62 -30.18
C VAL A 74 24.37 0.09 -31.42
N VAL A 75 24.19 1.41 -31.50
CA VAL A 75 24.89 2.23 -32.48
C VAL A 75 26.01 2.96 -31.74
N ALA A 76 27.17 3.03 -32.38
CA ALA A 76 28.36 3.61 -31.78
C ALA A 76 28.91 4.67 -32.72
N ILE A 77 28.95 5.92 -32.26
CA ILE A 77 29.52 7.02 -33.01
C ILE A 77 31.00 7.09 -32.66
N LEU A 78 31.85 6.83 -33.64
CA LEU A 78 33.29 7.01 -33.54
C LEU A 78 33.69 8.27 -34.31
N THR A 79 34.56 9.07 -33.71
CA THR A 79 35.06 10.27 -34.34
C THR A 79 36.56 10.36 -34.02
N PRO A 80 37.40 10.58 -35.03
CA PRO A 80 38.84 10.48 -34.80
C PRO A 80 39.34 11.64 -33.98
N PRO A 81 40.38 11.45 -33.18
CA PRO A 81 40.93 12.54 -32.38
C PRO A 81 41.72 13.50 -33.25
N ASP A 82 42.27 14.53 -32.61
CA ASP A 82 43.14 15.52 -33.26
C ASP A 82 42.52 16.09 -34.53
N ASP A 83 41.18 16.18 -34.56
CA ASP A 83 40.42 16.66 -35.71
C ASP A 83 40.78 15.92 -37.00
N LYS A 84 41.29 14.69 -36.89
CA LYS A 84 41.56 13.89 -38.06
C LYS A 84 40.25 13.44 -38.71
N LYS A 85 40.34 13.09 -40.00
CA LYS A 85 39.18 12.65 -40.75
C LYS A 85 39.03 11.13 -40.67
N VAL A 86 37.82 10.66 -40.93
CA VAL A 86 37.47 9.25 -40.74
C VAL A 86 38.05 8.41 -41.88
N THR A 87 38.75 9.04 -42.81
CA THR A 87 39.40 8.30 -43.88
C THR A 87 40.87 8.01 -43.58
N ASP A 88 41.42 8.57 -42.50
CA ASP A 88 42.73 8.19 -42.00
C ASP A 88 42.81 6.67 -41.87
N LYS A 89 43.72 6.06 -42.61
CA LYS A 89 43.81 4.61 -42.63
C LYS A 89 44.49 4.04 -41.39
N ALA A 90 45.37 4.81 -40.74
CA ALA A 90 45.97 4.34 -39.49
C ALA A 90 44.94 4.28 -38.38
N TRP A 91 44.19 5.37 -38.19
CA TRP A 91 43.11 5.37 -37.20
C TRP A 91 42.05 4.34 -37.55
N GLN A 92 41.77 4.18 -38.84
CA GLN A 92 40.84 3.14 -39.29
C GLN A 92 41.30 1.76 -38.86
N LYS A 93 42.56 1.43 -39.13
CA LYS A 93 43.08 0.12 -38.75
C LYS A 93 43.06 -0.05 -37.24
N LYS A 94 43.45 0.98 -36.48
CA LYS A 94 43.48 0.85 -35.02
C LYS A 94 42.09 0.57 -34.46
N VAL A 95 41.08 1.33 -34.92
CA VAL A 95 39.75 1.16 -34.35
C VAL A 95 39.10 -0.13 -34.84
N THR A 96 39.35 -0.52 -36.09
CA THR A 96 38.86 -1.81 -36.58
C THR A 96 39.44 -2.95 -35.75
N GLU A 97 40.74 -2.86 -35.42
CA GLU A 97 41.35 -3.91 -34.61
C GLU A 97 40.76 -3.93 -33.20
N GLU A 98 40.55 -2.75 -32.60
CA GLU A 98 39.96 -2.70 -31.27
C GLU A 98 38.57 -3.33 -31.26
N LEU A 99 37.76 -3.04 -32.28
CA LEU A 99 36.40 -3.54 -32.32
C LEU A 99 36.38 -5.05 -32.59
N ASP A 100 37.23 -5.53 -33.50
CA ASP A 100 37.31 -6.98 -33.70
C ASP A 100 37.85 -7.68 -32.47
N GLN A 101 38.67 -6.99 -31.67
CA GLN A 101 39.14 -7.55 -30.41
C GLN A 101 38.00 -7.71 -29.42
N VAL A 102 37.19 -6.66 -29.24
CA VAL A 102 36.09 -6.74 -28.29
C VAL A 102 35.04 -7.74 -28.76
N VAL A 103 34.90 -7.93 -30.07
CA VAL A 103 33.99 -8.95 -30.56
C VAL A 103 34.58 -10.35 -30.36
N LYS A 104 35.90 -10.49 -30.41
CA LYS A 104 36.51 -11.81 -30.26
C LYS A 104 36.37 -12.33 -28.83
N ASP A 105 36.26 -11.45 -27.84
CA ASP A 105 36.24 -11.86 -26.44
C ASP A 105 34.84 -12.14 -25.91
N HIS A 106 33.79 -11.83 -26.66
CA HIS A 106 32.43 -11.86 -26.15
C HIS A 106 31.46 -12.43 -27.17
N GLU A 107 31.89 -13.45 -27.94
CA GLU A 107 31.07 -13.91 -29.05
C GLU A 107 29.75 -14.52 -28.62
N ASP A 108 29.61 -14.96 -27.36
CA ASP A 108 28.32 -15.40 -26.88
C ASP A 108 27.40 -14.23 -26.54
N GLN A 109 27.90 -13.00 -26.59
CA GLN A 109 27.09 -11.81 -26.36
C GLN A 109 26.91 -10.95 -27.60
N ILE A 110 27.91 -10.84 -28.46
CA ILE A 110 27.89 -9.95 -29.61
C ILE A 110 27.77 -10.78 -30.88
N VAL A 111 26.87 -10.36 -31.78
CA VAL A 111 26.77 -11.01 -33.08
C VAL A 111 27.85 -10.53 -34.03
N GLY A 112 28.30 -9.29 -33.87
CA GLY A 112 29.28 -8.72 -34.77
C GLY A 112 29.00 -7.23 -34.92
N TRP A 113 29.87 -6.56 -35.66
CA TRP A 113 29.70 -5.12 -35.88
C TRP A 113 29.56 -4.81 -37.36
N VAL A 114 28.59 -3.94 -37.65
CA VAL A 114 28.23 -3.55 -39.00
C VAL A 114 28.68 -2.10 -39.21
N GLY A 115 28.86 -1.72 -40.48
CA GLY A 115 29.10 -0.32 -40.76
C GLY A 115 30.08 0.03 -41.87
N TRP A 116 30.07 1.31 -42.27
CA TRP A 116 30.95 1.77 -43.33
C TRP A 116 32.41 1.52 -42.97
N LEU A 117 32.76 1.66 -41.69
CA LEU A 117 34.14 1.48 -41.26
C LEU A 117 34.66 0.08 -41.56
N LYS A 118 33.77 -0.89 -41.79
CA LYS A 118 34.20 -2.24 -42.12
C LYS A 118 34.61 -2.36 -43.58
N ALA A 119 33.89 -1.70 -44.48
CA ALA A 119 34.21 -1.71 -45.91
C ALA A 119 34.20 -0.25 -46.39
N PRO A 120 35.27 0.50 -46.10
CA PRO A 120 35.27 1.94 -46.42
C PRO A 120 35.28 2.24 -47.91
N ASP A 121 35.58 1.27 -48.76
CA ASP A 121 35.52 1.44 -50.22
C ASP A 121 34.33 0.64 -50.74
N THR A 122 33.15 1.25 -50.71
CA THR A 122 31.93 0.55 -51.11
C THR A 122 31.01 1.48 -51.90
N THR A 123 30.10 0.85 -52.64
CA THR A 123 29.11 1.55 -53.46
C THR A 123 27.83 1.88 -52.72
N ASP A 124 27.51 1.15 -51.65
CA ASP A 124 26.20 1.22 -51.01
C ASP A 124 25.90 2.62 -50.49
N PRO A 125 24.87 3.29 -51.01
CA PRO A 125 24.56 4.64 -50.50
C PRO A 125 24.13 4.66 -49.05
N THR A 126 23.38 3.65 -48.61
CA THR A 126 22.99 3.58 -47.21
C THR A 126 24.22 3.39 -46.31
N VAL A 127 25.13 2.51 -46.72
CA VAL A 127 26.33 2.27 -45.94
C VAL A 127 27.24 3.51 -45.97
N SER A 128 27.31 4.18 -47.12
CA SER A 128 28.09 5.41 -47.21
C SER A 128 27.45 6.55 -46.46
N ALA A 129 26.16 6.43 -46.11
CA ALA A 129 25.53 7.41 -45.23
C ALA A 129 25.93 7.23 -43.77
N MET A 130 26.58 6.12 -43.42
CA MET A 130 27.06 5.88 -42.07
C MET A 130 28.30 6.71 -41.72
N LYS A 131 28.59 7.73 -42.52
CA LYS A 131 29.61 8.71 -42.22
C LYS A 131 29.05 10.08 -42.56
N THR A 132 29.29 11.06 -41.70
CA THR A 132 28.90 12.42 -42.01
C THR A 132 29.72 12.93 -43.20
N GLN A 133 29.21 13.94 -43.87
CA GLN A 133 29.86 14.42 -45.08
C GLN A 133 31.11 15.25 -44.78
N ASP A 134 31.20 15.84 -43.59
CA ASP A 134 32.46 16.44 -43.19
C ASP A 134 33.49 15.42 -42.78
N LEU A 135 33.11 14.13 -42.77
CA LEU A 135 34.04 13.01 -42.60
C LEU A 135 34.79 13.07 -41.28
N ARG A 136 34.15 13.60 -40.24
CA ARG A 136 34.72 13.60 -38.90
C ARG A 136 33.89 12.78 -37.93
N HIS A 137 32.90 12.04 -38.42
CA HIS A 137 32.08 11.16 -37.59
C HIS A 137 31.64 9.98 -38.45
N THR A 138 31.51 8.81 -37.83
CA THR A 138 30.95 7.65 -38.49
C THR A 138 30.45 6.69 -37.43
N PHE A 139 29.32 6.05 -37.70
CA PHE A 139 28.71 5.17 -36.72
C PHE A 139 28.68 3.73 -37.22
N ILE A 140 28.83 2.81 -36.28
CA ILE A 140 28.69 1.38 -36.51
C ILE A 140 27.50 0.88 -35.71
N SER A 141 27.01 -0.31 -36.06
CA SER A 141 25.90 -0.94 -35.36
C SER A 141 26.34 -2.32 -34.89
N ILE A 142 26.13 -2.60 -33.61
CA ILE A 142 26.65 -3.80 -32.96
C ILE A 142 25.49 -4.68 -32.47
N PRO A 143 24.93 -5.54 -33.32
CA PRO A 143 23.85 -6.43 -32.86
C PRO A 143 24.35 -7.44 -31.85
N LEU A 144 23.46 -7.82 -30.94
CA LEU A 144 23.79 -8.68 -29.82
C LEU A 144 22.99 -9.98 -29.88
N GLN A 145 23.57 -11.02 -29.29
CA GLN A 145 22.88 -12.29 -29.13
C GLN A 145 21.83 -12.18 -28.03
N GLY A 146 20.76 -12.95 -28.18
CA GLY A 146 19.68 -12.97 -27.23
C GLY A 146 18.36 -13.04 -27.95
N ASP A 147 17.38 -13.69 -27.32
CA ASP A 147 16.07 -13.89 -27.93
C ASP A 147 14.93 -13.38 -27.05
N ASP A 148 15.23 -12.60 -26.01
CA ASP A 148 14.26 -11.73 -25.35
C ASP A 148 14.98 -10.46 -24.93
N ASP A 149 14.20 -9.45 -24.56
CA ASP A 149 14.77 -8.14 -24.24
C ASP A 149 15.76 -8.24 -23.09
N ASP A 150 15.40 -9.00 -22.05
CA ASP A 150 16.23 -9.05 -20.84
C ASP A 150 17.58 -9.68 -21.14
N GLU A 151 17.61 -10.75 -21.94
CA GLU A 151 18.86 -11.41 -22.26
C GLU A 151 19.77 -10.52 -23.09
N ILE A 152 19.18 -9.80 -24.05
CA ILE A 152 19.98 -8.89 -24.87
C ILE A 152 20.55 -7.76 -24.02
N LEU A 153 19.76 -7.24 -23.08
CA LEU A 153 20.26 -6.18 -22.21
C LEU A 153 21.36 -6.68 -21.30
N LYS A 154 21.23 -7.91 -20.79
CA LYS A 154 22.29 -8.49 -19.97
C LYS A 154 23.57 -8.66 -20.77
N ASN A 155 23.47 -9.14 -22.01
CA ASN A 155 24.65 -9.26 -22.85
C ASN A 155 25.30 -7.90 -23.11
N TYR A 156 24.48 -6.88 -23.36
CA TYR A 156 25.02 -5.54 -23.57
C TYR A 156 25.77 -5.05 -22.34
N GLN A 157 25.15 -5.23 -21.16
CA GLN A 157 25.82 -4.81 -19.93
C GLN A 157 27.11 -5.59 -19.71
N VAL A 158 27.17 -6.83 -20.17
CA VAL A 158 28.38 -7.63 -20.04
C VAL A 158 29.51 -7.04 -20.88
N VAL A 159 29.22 -6.69 -22.13
CA VAL A 159 30.30 -6.21 -23.00
C VAL A 159 30.54 -4.71 -22.94
N GLU A 160 29.67 -3.95 -22.30
CA GLU A 160 29.80 -2.49 -22.31
C GLU A 160 31.11 -1.96 -21.72
N PRO A 161 31.62 -2.45 -20.59
CA PRO A 161 32.83 -1.83 -20.01
C PRO A 161 34.03 -1.83 -20.95
N GLU A 162 34.20 -2.87 -21.77
CA GLU A 162 35.31 -2.88 -22.71
C GLU A 162 34.96 -2.16 -24.00
N LEU A 163 33.69 -2.21 -24.41
CA LEU A 163 33.25 -1.48 -25.58
C LEU A 163 33.44 0.02 -25.41
N GLN A 164 33.29 0.50 -24.18
CA GLN A 164 33.37 1.93 -23.93
C GLN A 164 34.79 2.47 -24.05
N GLN A 165 35.80 1.61 -23.96
CA GLN A 165 37.19 2.05 -24.03
C GLN A 165 37.71 2.19 -25.45
N VAL A 166 37.03 1.58 -26.42
CA VAL A 166 37.45 1.69 -27.82
C VAL A 166 37.68 3.13 -28.21
N ASN A 167 38.69 3.35 -29.05
CA ASN A 167 39.03 4.69 -29.59
C ASN A 167 39.33 5.67 -28.46
N GLY A 168 40.26 5.28 -27.57
CA GLY A 168 40.64 6.12 -26.46
C GLY A 168 39.49 6.55 -25.57
N GLY A 169 38.42 5.76 -25.51
CA GLY A 169 37.24 6.12 -24.78
C GLY A 169 36.34 7.12 -25.46
N ASP A 170 36.79 7.74 -26.55
CA ASP A 170 35.96 8.68 -27.31
C ASP A 170 35.14 7.91 -28.34
N ILE A 171 34.18 7.14 -27.83
CA ILE A 171 33.16 6.48 -28.62
C ILE A 171 31.84 6.66 -27.89
N ARG A 172 30.80 7.08 -28.60
CA ARG A 172 29.52 7.40 -27.98
C ARG A 172 28.51 6.32 -28.33
N LEU A 173 27.99 5.64 -27.30
CA LEU A 173 27.07 4.53 -27.48
C LEU A 173 25.64 5.00 -27.29
N ALA A 174 24.78 4.64 -28.25
CA ALA A 174 23.36 4.91 -28.19
C ALA A 174 22.63 3.69 -28.76
N GLY A 175 21.33 3.82 -28.94
CA GLY A 175 20.50 2.71 -29.39
C GLY A 175 19.70 2.13 -28.23
N LEU A 176 18.97 1.06 -28.56
CA LEU A 176 18.00 0.49 -27.62
C LEU A 176 18.65 0.12 -26.28
N ASN A 177 19.83 -0.48 -26.33
CA ASN A 177 20.36 -1.11 -25.12
C ASN A 177 21.08 -0.14 -24.19
N PRO A 178 21.90 0.80 -24.68
CA PRO A 178 22.40 1.85 -23.76
C PRO A 178 21.27 2.60 -23.07
N LEU A 179 20.22 2.97 -23.82
CA LEU A 179 19.09 3.66 -23.22
C LEU A 179 18.36 2.78 -22.23
N ALA A 180 18.16 1.51 -22.57
CA ALA A 180 17.43 0.61 -21.68
C ALA A 180 18.17 0.43 -20.35
N SER A 181 19.50 0.29 -20.39
CA SER A 181 20.28 0.07 -19.16
C SER A 181 20.39 1.33 -18.32
N GLU A 182 20.45 2.49 -18.97
CA GLU A 182 20.35 3.73 -18.20
C GLU A 182 19.00 3.82 -17.48
N LEU A 183 17.92 3.58 -18.23
CA LEU A 183 16.58 3.68 -17.66
C LEU A 183 16.37 2.69 -16.52
N THR A 184 16.92 1.47 -16.64
CA THR A 184 16.75 0.49 -15.59
C THR A 184 17.72 0.68 -14.42
N GLY A 185 18.85 1.37 -14.63
CA GLY A 185 19.74 1.71 -13.52
C GLY A 185 19.25 2.85 -12.66
N THR A 186 18.39 3.71 -13.23
CA THR A 186 17.69 4.69 -12.39
C THR A 186 17.04 4.04 -11.17
N ILE A 187 16.63 2.76 -11.27
CA ILE A 187 15.96 2.09 -10.15
C ILE A 187 16.92 1.96 -8.96
N GLY A 188 18.09 1.38 -9.20
CA GLY A 188 19.07 1.25 -8.13
C GLY A 188 19.51 2.60 -7.59
N GLU A 189 19.66 3.58 -8.49
CA GLU A 189 20.05 4.91 -8.03
C GLU A 189 19.00 5.49 -7.08
N ASP A 190 17.71 5.30 -7.40
CA ASP A 190 16.65 5.76 -6.51
C ASP A 190 16.67 5.03 -5.18
N GLN A 191 16.91 3.72 -5.21
CA GLN A 191 16.94 2.96 -3.95
C GLN A 191 18.05 3.47 -3.04
N LYS A 192 19.22 3.80 -3.60
CA LYS A 192 20.30 4.31 -2.74
C LYS A 192 20.02 5.72 -2.24
N ARG A 193 19.45 6.57 -3.10
CA ARG A 193 19.06 7.90 -2.62
C ARG A 193 18.09 7.79 -1.47
N ALA A 194 17.15 6.84 -1.55
CA ALA A 194 16.29 6.54 -0.41
C ALA A 194 17.12 6.15 0.81
N GLU A 195 17.95 5.12 0.67
CA GLU A 195 18.76 4.64 1.79
C GLU A 195 19.51 5.76 2.50
N VAL A 196 20.00 6.74 1.75
CA VAL A 196 20.91 7.71 2.33
C VAL A 196 20.19 8.96 2.85
N ALA A 197 19.16 9.45 2.15
CA ALA A 197 18.51 10.67 2.60
C ALA A 197 17.21 10.46 3.36
N ALA A 198 16.52 9.33 3.16
CA ALA A 198 15.21 9.14 3.77
C ALA A 198 15.28 8.59 5.19
N ILE A 199 16.05 7.51 5.40
CA ILE A 199 15.99 6.82 6.69
C ILE A 199 16.51 7.65 7.85
N PRO A 200 17.48 8.57 7.68
CA PRO A 200 17.75 9.50 8.80
C PRO A 200 16.62 10.47 9.04
N LEU A 201 16.03 11.01 7.96
CA LEU A 201 14.94 11.95 8.10
C LEU A 201 13.71 11.28 8.71
N VAL A 202 13.35 10.07 8.24
CA VAL A 202 12.20 9.39 8.82
C VAL A 202 12.52 8.92 10.23
N ALA A 203 13.79 8.62 10.53
CA ALA A 203 14.16 8.25 11.89
C ALA A 203 13.93 9.41 12.85
N VAL A 204 14.32 10.62 12.45
CA VAL A 204 14.10 11.76 13.35
C VAL A 204 12.63 12.18 13.37
N VAL A 205 11.88 11.95 12.29
CA VAL A 205 10.44 12.20 12.38
C VAL A 205 9.78 11.21 13.34
N LEU A 206 10.20 9.94 13.28
CA LEU A 206 9.77 8.95 14.26
C LEU A 206 10.08 9.41 15.67
N PHE A 207 11.31 9.87 15.90
CA PHE A 207 11.68 10.32 17.24
C PHE A 207 10.93 11.59 17.66
N PHE A 208 10.44 12.38 16.70
CA PHE A 208 9.63 13.53 17.08
C PHE A 208 8.17 13.13 17.34
N VAL A 209 7.73 11.99 16.82
CA VAL A 209 6.40 11.49 17.16
C VAL A 209 6.39 10.93 18.58
N PHE A 210 7.31 10.04 18.91
CA PHE A 210 7.54 9.60 20.27
C PHE A 210 8.89 10.14 20.74
N GLY A 211 8.89 10.92 21.82
CA GLY A 211 10.12 11.43 22.37
C GLY A 211 10.98 10.37 23.03
N THR A 212 11.04 9.19 22.42
CA THR A 212 11.69 8.02 23.02
C THR A 212 12.37 7.20 21.94
N VAL A 213 13.55 6.66 22.28
CA VAL A 213 14.38 5.97 21.29
C VAL A 213 13.73 4.65 20.86
N ILE A 214 13.31 3.83 21.83
CA ILE A 214 12.79 2.50 21.50
C ILE A 214 11.45 2.60 20.78
N ALA A 215 10.55 3.46 21.29
CA ALA A 215 9.25 3.63 20.66
C ALA A 215 9.39 4.13 19.23
N ALA A 216 10.37 5.00 18.99
CA ALA A 216 10.61 5.48 17.63
C ALA A 216 11.26 4.41 16.77
N ALA A 217 12.10 3.55 17.36
CA ALA A 217 12.83 2.56 16.59
C ALA A 217 11.97 1.39 16.15
N LEU A 218 10.92 1.07 16.91
CA LEU A 218 10.11 -0.10 16.57
C LEU A 218 9.45 -0.01 15.19
N PRO A 219 8.75 1.07 14.82
CA PRO A 219 8.17 1.12 13.47
C PRO A 219 9.19 1.10 12.35
N ALA A 220 10.38 1.66 12.56
CA ALA A 220 11.42 1.58 11.55
C ALA A 220 11.86 0.14 11.31
N ILE A 221 12.00 -0.64 12.39
CA ILE A 221 12.34 -2.05 12.24
C ILE A 221 11.21 -2.80 11.54
N ILE A 222 9.96 -2.44 11.86
CA ILE A 222 8.83 -3.04 11.16
C ILE A 222 8.90 -2.75 9.66
N GLY A 223 9.23 -1.51 9.30
CA GLY A 223 9.32 -1.17 7.89
C GLY A 223 10.44 -1.92 7.18
N GLY A 224 11.58 -2.04 7.85
CA GLY A 224 12.69 -2.80 7.26
C GLY A 224 12.33 -4.27 7.04
N LEU A 225 11.72 -4.90 8.06
CA LEU A 225 11.29 -6.29 7.90
C LEU A 225 10.24 -6.41 6.79
N ALA A 226 9.35 -5.43 6.67
CA ALA A 226 8.37 -5.43 5.58
C ALA A 226 9.06 -5.40 4.23
N ILE A 227 10.03 -4.51 4.05
CA ILE A 227 10.74 -4.41 2.78
C ILE A 227 11.41 -5.74 2.45
N ALA A 228 12.12 -6.29 3.42
CA ALA A 228 12.84 -7.55 3.20
C ALA A 228 11.88 -8.65 2.77
N GLY A 229 10.84 -8.88 3.57
CA GLY A 229 9.89 -9.94 3.26
C GLY A 229 9.15 -9.72 1.96
N ALA A 230 8.88 -8.46 1.59
CA ALA A 230 8.17 -8.19 0.35
C ALA A 230 9.06 -8.41 -0.87
N LEU A 231 10.34 -8.06 -0.76
CA LEU A 231 11.27 -8.41 -1.83
C LEU A 231 11.37 -9.92 -1.96
N GLY A 232 11.33 -10.64 -0.83
CA GLY A 232 11.31 -12.10 -0.90
C GLY A 232 10.08 -12.64 -1.59
N ILE A 233 8.90 -12.11 -1.22
CA ILE A 233 7.65 -12.52 -1.85
C ILE A 233 7.70 -12.24 -3.35
N MET A 234 8.28 -11.10 -3.74
CA MET A 234 8.31 -10.75 -5.15
C MET A 234 9.31 -11.60 -5.93
N ARG A 235 10.43 -11.95 -5.31
CA ARG A 235 11.35 -12.91 -5.94
C ARG A 235 10.67 -14.27 -6.11
N LEU A 236 9.84 -14.66 -5.14
CA LEU A 236 9.12 -15.92 -5.28
C LEU A 236 8.08 -15.85 -6.39
N VAL A 237 7.37 -14.72 -6.50
CA VAL A 237 6.40 -14.54 -7.58
C VAL A 237 7.10 -14.53 -8.93
N ALA A 238 8.33 -14.01 -8.98
CA ALA A 238 9.06 -13.92 -10.25
C ALA A 238 9.35 -15.29 -10.87
N GLU A 239 9.24 -16.38 -10.10
CA GLU A 239 9.48 -17.71 -10.64
C GLU A 239 8.25 -18.31 -11.32
N PHE A 240 7.14 -17.58 -11.37
CA PHE A 240 5.93 -18.03 -12.05
C PHE A 240 5.49 -17.06 -13.14
N THR A 241 5.49 -15.76 -12.85
CA THR A 241 5.10 -14.67 -13.74
C THR A 241 6.24 -13.66 -13.85
N PRO A 242 6.40 -13.00 -14.99
CA PRO A 242 7.37 -11.91 -15.08
C PRO A 242 6.99 -10.76 -14.16
N VAL A 243 8.00 -10.21 -13.49
CA VAL A 243 7.84 -9.06 -12.59
C VAL A 243 8.66 -7.91 -13.14
N HIS A 244 8.00 -6.77 -13.34
CA HIS A 244 8.66 -5.63 -13.98
C HIS A 244 9.67 -4.98 -13.05
N PHE A 245 10.66 -4.31 -13.65
CA PHE A 245 11.65 -3.55 -12.89
C PHE A 245 10.97 -2.59 -11.91
N PHE A 246 9.94 -1.89 -12.36
CA PHE A 246 9.28 -0.86 -11.57
C PHE A 246 8.66 -1.40 -10.29
N ALA A 247 8.50 -2.72 -10.17
CA ALA A 247 7.94 -3.28 -8.94
C ALA A 247 8.90 -3.10 -7.77
N GLN A 248 10.20 -2.96 -8.04
CA GLN A 248 11.16 -2.83 -6.95
C GLN A 248 11.02 -1.53 -6.18
N PRO A 249 11.04 -0.35 -6.82
CA PRO A 249 10.87 0.89 -6.04
C PRO A 249 9.48 1.03 -5.43
N VAL A 250 8.45 0.41 -6.02
CA VAL A 250 7.11 0.47 -5.45
C VAL A 250 7.08 -0.18 -4.07
N VAL A 251 7.91 -1.21 -3.86
CA VAL A 251 8.02 -1.78 -2.51
C VAL A 251 8.57 -0.74 -1.54
N THR A 252 9.54 0.07 -1.99
CA THR A 252 10.10 1.07 -1.09
C THR A 252 9.22 2.31 -1.01
N LEU A 253 8.71 2.79 -2.16
CA LEU A 253 7.99 4.05 -2.17
C LEU A 253 6.62 3.95 -1.50
N ILE A 254 5.96 2.80 -1.59
CA ILE A 254 4.64 2.62 -1.00
C ILE A 254 4.68 1.65 0.17
N GLY A 255 5.37 0.53 0.03
CA GLY A 255 5.42 -0.45 1.09
C GLY A 255 5.98 0.08 2.39
N LEU A 256 7.20 0.63 2.33
CA LEU A 256 7.90 1.05 3.53
C LEU A 256 7.10 2.11 4.31
N GLY A 257 6.58 3.11 3.59
CA GLY A 257 5.82 4.15 4.26
C GLY A 257 4.63 3.60 5.03
N ILE A 258 3.89 2.68 4.41
CA ILE A 258 2.67 2.18 5.04
C ILE A 258 3.00 1.23 6.20
N ALA A 259 4.06 0.42 6.05
CA ALA A 259 4.48 -0.40 7.17
C ALA A 259 4.89 0.45 8.36
N ILE A 260 5.62 1.54 8.09
CA ILE A 260 6.03 2.44 9.15
C ILE A 260 4.82 3.12 9.80
N ASP A 261 3.81 3.48 8.99
CA ASP A 261 2.63 4.13 9.54
C ASP A 261 1.82 3.16 10.42
N TYR A 262 1.69 1.91 9.97
CA TYR A 262 1.06 0.88 10.78
C TYR A 262 1.78 0.73 12.12
N GLY A 263 3.11 0.63 12.08
CA GLY A 263 3.88 0.56 13.31
C GLY A 263 3.67 1.78 14.20
N LEU A 264 3.66 2.96 13.59
CA LEU A 264 3.34 4.20 14.29
C LEU A 264 2.06 4.06 15.10
N PHE A 265 0.96 3.71 14.42
CA PHE A 265 -0.34 3.67 15.08
C PHE A 265 -0.37 2.61 16.19
N ILE A 266 0.23 1.44 15.94
CA ILE A 266 0.12 0.38 16.93
C ILE A 266 0.95 0.70 18.18
N VAL A 267 2.17 1.22 17.99
CA VAL A 267 2.97 1.63 19.15
C VAL A 267 2.31 2.79 19.89
N SER A 268 1.73 3.73 19.15
CA SER A 268 1.03 4.85 19.76
C SER A 268 -0.07 4.37 20.69
N ARG A 269 -0.93 3.48 20.19
CA ARG A 269 -2.03 3.06 21.05
C ARG A 269 -1.57 2.11 22.15
N PHE A 270 -0.52 1.31 21.94
CA PHE A 270 0.00 0.51 23.03
C PHE A 270 0.47 1.40 24.18
N ARG A 271 1.21 2.46 23.84
CA ARG A 271 1.65 3.41 24.86
C ARG A 271 0.47 4.04 25.59
N GLU A 272 -0.57 4.43 24.84
CA GLU A 272 -1.70 5.09 25.52
C GLU A 272 -2.51 4.11 26.37
N GLU A 273 -2.60 2.84 25.95
CA GLU A 273 -3.24 1.84 26.80
C GLU A 273 -2.45 1.64 28.09
N ILE A 274 -1.12 1.59 27.99
CA ILE A 274 -0.29 1.47 29.19
C ILE A 274 -0.50 2.68 30.10
N ALA A 275 -0.59 3.87 29.50
CA ALA A 275 -0.82 5.08 30.29
C ALA A 275 -2.20 5.06 30.95
N GLU A 276 -3.17 4.37 30.36
CA GLU A 276 -4.50 4.30 30.96
C GLU A 276 -4.60 3.32 32.13
N GLY A 277 -3.53 2.58 32.45
CA GLY A 277 -3.50 1.76 33.64
C GLY A 277 -3.52 0.25 33.42
N TYR A 278 -3.66 -0.21 32.18
CA TYR A 278 -3.70 -1.64 31.91
C TYR A 278 -2.30 -2.22 31.97
N ASP A 279 -2.23 -3.52 32.29
CA ASP A 279 -0.95 -4.21 32.25
C ASP A 279 -0.65 -4.66 30.81
N THR A 280 0.62 -5.00 30.56
CA THR A 280 1.08 -5.18 29.20
C THR A 280 0.35 -6.31 28.47
N GLU A 281 -0.18 -7.29 29.20
CA GLU A 281 -0.97 -8.33 28.53
C GLU A 281 -2.30 -7.78 28.03
N ALA A 282 -3.08 -7.20 28.93
CA ALA A 282 -4.31 -6.53 28.52
C ALA A 282 -4.04 -5.38 27.55
N ALA A 283 -2.92 -4.68 27.74
CA ALA A 283 -2.54 -3.62 26.81
C ALA A 283 -2.33 -4.17 25.40
N VAL A 284 -1.59 -5.27 25.27
CA VAL A 284 -1.37 -5.89 23.98
C VAL A 284 -2.68 -6.32 23.35
N ARG A 285 -3.54 -6.97 24.16
CA ARG A 285 -4.80 -7.47 23.63
C ARG A 285 -5.67 -6.34 23.13
N ARG A 286 -5.77 -5.24 23.88
CA ARG A 286 -6.59 -4.11 23.45
C ARG A 286 -5.99 -3.41 22.25
N THR A 287 -4.66 -3.25 22.23
CA THR A 287 -3.99 -2.69 21.05
C THR A 287 -4.34 -3.47 19.80
N VAL A 288 -4.26 -4.80 19.88
CA VAL A 288 -4.69 -5.63 18.76
C VAL A 288 -6.15 -5.34 18.43
N MET A 289 -7.05 -5.64 19.38
CA MET A 289 -8.49 -5.52 19.20
C MET A 289 -8.96 -4.15 18.74
N THR A 290 -8.10 -3.14 18.73
CA THR A 290 -8.49 -1.83 18.19
C THR A 290 -7.61 -1.44 17.01
N SER A 291 -6.35 -1.11 17.24
CA SER A 291 -5.52 -0.60 16.16
C SER A 291 -5.15 -1.71 15.19
N GLY A 292 -4.99 -2.94 15.66
CA GLY A 292 -4.66 -4.01 14.74
C GLY A 292 -5.74 -4.25 13.71
N ARG A 293 -7.01 -4.16 14.13
CA ARG A 293 -8.08 -4.28 13.16
C ARG A 293 -8.24 -3.03 12.32
N THR A 294 -7.90 -1.85 12.84
CA THR A 294 -7.86 -0.68 11.97
C THR A 294 -6.83 -0.85 10.85
N VAL A 295 -5.65 -1.39 11.18
CA VAL A 295 -4.63 -1.58 10.16
C VAL A 295 -4.99 -2.74 9.22
N VAL A 296 -5.69 -3.76 9.72
CA VAL A 296 -6.16 -4.83 8.83
C VAL A 296 -7.18 -4.28 7.84
N PHE A 297 -8.11 -3.45 8.32
CA PHE A 297 -9.07 -2.82 7.44
C PHE A 297 -8.38 -1.89 6.44
N SER A 298 -7.31 -1.24 6.91
CA SER A 298 -6.51 -0.33 6.04
C SER A 298 -5.90 -1.16 4.90
N ALA A 299 -5.35 -2.34 5.22
CA ALA A 299 -4.76 -3.22 4.22
C ALA A 299 -5.82 -3.71 3.24
N VAL A 300 -7.02 -4.03 3.74
CA VAL A 300 -8.09 -4.47 2.86
C VAL A 300 -8.49 -3.35 1.90
N ILE A 301 -8.52 -2.11 2.39
CA ILE A 301 -8.89 -0.98 1.54
C ILE A 301 -7.84 -0.74 0.47
N ILE A 302 -6.56 -0.84 0.83
CA ILE A 302 -5.51 -0.62 -0.16
C ILE A 302 -5.51 -1.72 -1.22
N VAL A 303 -5.71 -2.98 -0.78
CA VAL A 303 -5.82 -4.07 -1.74
C VAL A 303 -7.02 -3.87 -2.64
N ALA A 304 -8.14 -3.40 -2.08
CA ALA A 304 -9.35 -3.17 -2.87
C ALA A 304 -9.15 -2.06 -3.88
N SER A 305 -8.29 -1.09 -3.57
CA SER A 305 -8.02 -0.01 -4.51
C SER A 305 -6.95 -0.35 -5.53
N SER A 306 -6.12 -1.37 -5.28
CA SER A 306 -5.09 -1.77 -6.23
C SER A 306 -5.52 -2.90 -7.16
N VAL A 307 -6.33 -3.84 -6.69
CA VAL A 307 -6.73 -5.02 -7.48
C VAL A 307 -7.35 -4.65 -8.83
N PRO A 308 -8.18 -3.61 -8.95
CA PRO A 308 -8.74 -3.29 -10.28
C PRO A 308 -7.69 -3.09 -11.36
N LEU A 309 -6.45 -2.74 -10.99
CA LEU A 309 -5.38 -2.65 -11.97
C LEU A 309 -5.16 -3.97 -12.71
N LEU A 310 -5.54 -5.09 -12.09
CA LEU A 310 -5.44 -6.38 -12.77
C LEU A 310 -6.34 -6.46 -13.99
N LEU A 311 -7.33 -5.56 -14.11
CA LEU A 311 -8.15 -5.51 -15.32
C LEU A 311 -7.30 -5.23 -16.56
N PHE A 312 -6.19 -4.55 -16.39
CA PHE A 312 -5.39 -4.17 -17.54
C PHE A 312 -4.46 -5.30 -17.95
N PRO A 313 -4.19 -5.44 -19.26
CA PRO A 313 -3.33 -6.55 -19.73
C PRO A 313 -1.84 -6.29 -19.63
N GLN A 314 -1.42 -5.05 -19.42
CA GLN A 314 0.02 -4.73 -19.35
C GLN A 314 0.63 -5.41 -18.12
N GLY A 315 1.64 -6.27 -18.36
CA GLY A 315 2.31 -6.94 -17.24
C GLY A 315 2.92 -5.97 -16.24
N PHE A 316 3.31 -4.79 -16.72
CA PHE A 316 3.74 -3.68 -15.87
C PHE A 316 2.79 -3.47 -14.69
N LEU A 317 1.53 -3.14 -14.99
CA LEU A 317 0.55 -2.88 -13.96
C LEU A 317 0.28 -4.12 -13.10
N LYS A 318 0.30 -5.30 -13.72
CA LYS A 318 0.11 -6.54 -12.97
C LYS A 318 1.15 -6.69 -11.86
N SER A 319 2.44 -6.61 -12.22
CA SER A 319 3.49 -6.79 -11.23
C SER A 319 3.48 -5.67 -10.19
N ILE A 320 3.15 -4.45 -10.61
CA ILE A 320 3.07 -3.36 -9.62
C ILE A 320 1.95 -3.64 -8.62
N THR A 321 0.82 -4.14 -9.10
CA THR A 321 -0.29 -4.51 -8.21
C THR A 321 0.13 -5.60 -7.24
N TYR A 322 0.82 -6.62 -7.75
CA TYR A 322 1.33 -7.68 -6.88
C TYR A 322 2.25 -7.12 -5.79
N ALA A 323 3.15 -6.22 -6.17
CA ALA A 323 4.09 -5.64 -5.22
C ALA A 323 3.36 -4.85 -4.14
N ILE A 324 2.38 -4.02 -4.54
CA ILE A 324 1.58 -3.28 -3.57
C ILE A 324 0.89 -4.23 -2.60
N ILE A 325 0.24 -5.27 -3.14
CA ILE A 325 -0.51 -6.19 -2.29
C ILE A 325 0.41 -6.88 -1.29
N ALA A 326 1.53 -7.40 -1.77
CA ALA A 326 2.48 -8.09 -0.88
C ALA A 326 3.00 -7.14 0.19
N SER A 327 3.44 -5.95 -0.21
CA SER A 327 3.96 -4.99 0.75
C SER A 327 2.92 -4.68 1.82
N VAL A 328 1.69 -4.38 1.40
CA VAL A 328 0.68 -3.91 2.34
C VAL A 328 0.25 -5.03 3.28
N MET A 329 -0.02 -6.22 2.74
CA MET A 329 -0.46 -7.32 3.59
C MET A 329 0.64 -7.77 4.55
N LEU A 330 1.89 -7.84 4.08
CA LEU A 330 2.98 -8.19 4.97
C LEU A 330 3.18 -7.13 6.04
N ALA A 331 2.98 -5.86 5.68
CA ALA A 331 3.07 -4.78 6.65
C ALA A 331 2.05 -4.95 7.76
N ALA A 332 0.78 -5.20 7.40
CA ALA A 332 -0.26 -5.38 8.41
C ALA A 332 0.02 -6.59 9.29
N ILE A 333 0.36 -7.73 8.67
CA ILE A 333 0.64 -8.95 9.43
C ILE A 333 1.79 -8.71 10.41
N LEU A 334 2.89 -8.11 9.92
CA LEU A 334 4.02 -7.81 10.78
C LEU A 334 3.63 -6.89 11.92
N SER A 335 2.82 -5.86 11.63
CA SER A 335 2.47 -4.90 12.66
C SER A 335 1.63 -5.52 13.76
N ILE A 336 0.87 -6.58 13.46
CA ILE A 336 0.12 -7.24 14.53
C ILE A 336 0.75 -8.59 14.92
N THR A 337 1.96 -8.89 14.47
CA THR A 337 2.65 -10.11 14.90
C THR A 337 4.01 -9.79 15.51
N VAL A 338 5.01 -9.43 14.71
CA VAL A 338 6.32 -9.08 15.26
C VAL A 338 6.19 -7.91 16.24
N LEU A 339 5.49 -6.85 15.81
CA LEU A 339 5.39 -5.65 16.65
C LEU A 339 4.60 -5.93 17.92
N ALA A 340 3.49 -6.66 17.81
CA ALA A 340 2.69 -6.98 19.00
C ALA A 340 3.51 -7.77 20.01
N ALA A 341 4.23 -8.80 19.55
CA ALA A 341 5.02 -9.62 20.45
C ALA A 341 6.18 -8.83 21.03
N ALA A 342 6.80 -7.97 20.22
CA ALA A 342 7.87 -7.12 20.72
C ALA A 342 7.37 -6.24 21.86
N LEU A 343 6.20 -5.63 21.67
CA LEU A 343 5.62 -4.82 22.73
C LEU A 343 5.27 -5.66 23.96
N ALA A 344 4.76 -6.88 23.73
CA ALA A 344 4.44 -7.75 24.86
C ALA A 344 5.67 -8.09 25.68
N ILE A 345 6.82 -8.24 25.02
CA ILE A 345 8.05 -8.50 25.74
C ILE A 345 8.55 -7.24 26.44
N LEU A 346 8.49 -6.10 25.75
CA LEU A 346 9.06 -4.87 26.29
C LEU A 346 8.25 -4.34 27.47
N GLY A 347 6.96 -4.09 27.26
CA GLY A 347 6.12 -3.54 28.30
C GLY A 347 6.25 -2.04 28.41
N PRO A 348 6.42 -1.53 29.63
CA PRO A 348 6.70 -0.09 29.80
C PRO A 348 8.13 0.29 29.50
N ARG A 349 9.02 -0.68 29.25
CA ARG A 349 10.38 -0.38 28.84
C ARG A 349 10.47 0.31 27.49
N VAL A 350 9.35 0.42 26.75
CA VAL A 350 9.37 1.13 25.48
C VAL A 350 9.81 2.57 25.67
N ASP A 351 9.60 3.13 26.87
CA ASP A 351 9.92 4.52 27.16
C ASP A 351 11.16 4.68 28.04
N ALA A 352 11.94 3.61 28.24
CA ALA A 352 13.06 3.68 29.17
C ALA A 352 14.19 4.56 28.64
N LEU A 353 14.30 4.73 27.33
CA LEU A 353 15.43 5.40 26.70
C LEU A 353 14.98 6.76 26.17
N GLY A 354 15.42 7.83 26.84
CA GLY A 354 15.11 9.17 26.40
C GLY A 354 16.08 9.67 25.33
N VAL A 355 15.86 10.92 24.90
CA VAL A 355 16.77 11.54 23.95
C VAL A 355 18.16 11.67 24.55
N THR A 356 18.25 11.66 25.88
CA THR A 356 19.53 11.77 26.57
C THR A 356 20.51 10.71 26.10
N THR A 357 20.01 9.59 25.58
CA THR A 357 20.86 8.55 25.02
C THR A 357 21.45 9.04 23.70
N LEU A 358 22.74 9.37 23.71
CA LEU A 358 23.42 9.85 22.50
C LEU A 358 24.87 9.37 22.56
N LEU A 359 25.17 8.34 21.77
CA LEU A 359 26.51 7.74 21.79
C LEU A 359 26.87 7.19 20.42
N PHE A 394 -3.13 23.58 18.69
CA PHE A 394 -4.12 22.63 19.16
C PHE A 394 -5.22 22.45 18.11
N TRP A 395 -5.62 21.20 17.89
CA TRP A 395 -6.49 20.90 16.77
C TRP A 395 -7.93 21.30 17.02
N GLY A 396 -8.35 21.35 18.28
CA GLY A 396 -9.73 21.66 18.60
C GLY A 396 -10.08 23.12 18.33
N ARG A 397 -9.20 24.04 18.70
CA ARG A 397 -9.40 25.42 18.27
C ARG A 397 -9.57 25.49 16.76
N LEU A 398 -8.72 24.79 16.03
CA LEU A 398 -8.75 24.86 14.57
C LEU A 398 -10.04 24.27 14.00
N VAL A 399 -10.53 23.16 14.54
CA VAL A 399 -11.78 22.61 14.02
C VAL A 399 -12.94 23.51 14.37
N ASN A 400 -12.93 24.11 15.56
CA ASN A 400 -14.08 24.93 15.94
C ASN A 400 -14.10 26.27 15.23
N VAL A 401 -12.93 26.82 14.86
CA VAL A 401 -12.88 28.07 14.11
C VAL A 401 -13.69 27.96 12.83
N VAL A 402 -13.78 26.76 12.28
CA VAL A 402 -14.22 26.54 10.90
C VAL A 402 -15.57 25.86 10.82
N MET A 403 -16.18 25.52 11.95
CA MET A 403 -17.52 24.94 11.92
C MET A 403 -18.63 25.98 12.01
N LYS A 404 -18.40 27.14 12.63
CA LYS A 404 -19.39 28.21 12.56
C LYS A 404 -19.22 29.01 11.28
N ARG A 405 -18.04 28.91 10.66
CA ARG A 405 -17.78 29.42 9.32
C ARG A 405 -17.50 28.23 8.40
N PRO A 406 -18.51 27.59 7.88
CA PRO A 406 -18.26 26.48 6.94
C PRO A 406 -18.04 26.95 5.51
N ILE A 407 -19.03 27.66 4.95
CA ILE A 407 -18.96 28.08 3.55
C ILE A 407 -17.84 29.09 3.34
N ALA A 408 -17.32 29.69 4.41
CA ALA A 408 -16.17 30.56 4.28
C ALA A 408 -14.89 29.81 3.90
N PHE A 409 -14.90 28.48 3.95
CA PHE A 409 -13.78 27.65 3.50
C PHE A 409 -14.19 26.64 2.45
N ALA A 410 -15.40 26.07 2.57
CA ALA A 410 -15.85 25.03 1.66
C ALA A 410 -15.78 25.46 0.21
N ALA A 411 -16.67 26.37 -0.19
CA ALA A 411 -16.69 26.80 -1.59
C ALA A 411 -15.36 27.36 -2.06
N PRO A 412 -14.67 28.28 -1.32
CA PRO A 412 -13.38 28.79 -1.81
C PRO A 412 -12.26 27.76 -1.76
N ILE A 413 -12.60 26.49 -1.57
CA ILE A 413 -11.68 25.38 -1.73
C ILE A 413 -12.10 24.47 -2.88
N LEU A 414 -13.39 24.17 -2.98
CA LEU A 414 -13.87 23.38 -4.10
C LEU A 414 -13.64 24.08 -5.42
N VAL A 415 -13.83 25.40 -5.48
CA VAL A 415 -13.60 26.10 -6.74
C VAL A 415 -12.13 26.04 -7.12
N VAL A 416 -11.24 26.27 -6.15
CA VAL A 416 -9.81 26.22 -6.47
C VAL A 416 -9.42 24.82 -6.91
N MET A 417 -10.09 23.78 -6.39
CA MET A 417 -9.72 22.43 -6.80
C MET A 417 -10.24 22.10 -8.19
N VAL A 418 -11.43 22.59 -8.56
CA VAL A 418 -11.90 22.35 -9.93
C VAL A 418 -11.05 23.14 -10.93
N LEU A 419 -10.60 24.34 -10.55
CA LEU A 419 -9.63 25.04 -11.39
C LEU A 419 -8.31 24.28 -11.47
N LEU A 420 -7.93 23.59 -10.40
CA LEU A 420 -6.77 22.71 -10.46
C LEU A 420 -7.00 21.50 -11.36
N ILE A 421 -8.26 21.13 -11.58
CA ILE A 421 -8.53 20.02 -12.50
C ILE A 421 -8.59 20.50 -13.95
N ILE A 422 -8.92 21.77 -14.20
CA ILE A 422 -9.01 22.20 -15.61
C ILE A 422 -7.71 21.97 -16.39
N PRO A 423 -6.51 21.93 -15.78
CA PRO A 423 -5.35 21.49 -16.57
C PRO A 423 -5.41 20.04 -17.01
N LEU A 424 -6.21 19.20 -16.35
CA LEU A 424 -6.29 17.79 -16.74
C LEU A 424 -6.80 17.63 -18.17
N GLY A 425 -7.68 18.53 -18.63
CA GLY A 425 -8.14 18.49 -20.00
C GLY A 425 -6.99 18.62 -21.00
N GLN A 426 -5.99 19.41 -20.66
CA GLN A 426 -4.68 19.27 -21.29
C GLN A 426 -4.09 17.96 -20.84
N LEU A 427 -3.95 16.99 -21.74
CA LEU A 427 -3.30 15.73 -21.40
C LEU A 427 -3.00 14.91 -22.66
N SER A 428 -1.80 14.36 -22.73
CA SER A 428 -1.41 13.48 -23.82
C SER A 428 -0.66 12.28 -23.24
N LEU A 429 -0.57 11.23 -24.05
CA LEU A 429 0.11 10.02 -23.65
C LEU A 429 1.03 9.55 -24.77
N GLY A 430 2.11 8.86 -24.39
CA GLY A 430 3.08 8.40 -25.35
C GLY A 430 3.83 7.21 -24.80
N GLY A 431 4.79 6.72 -25.60
CA GLY A 431 5.60 5.59 -25.22
C GLY A 431 6.93 6.01 -24.63
N ILE A 432 7.72 5.00 -24.24
CA ILE A 432 9.05 5.26 -23.70
C ILE A 432 9.91 5.88 -24.78
N SER A 433 10.65 6.92 -24.39
CA SER A 433 11.59 7.58 -25.28
C SER A 433 12.87 7.86 -24.50
N GLU A 434 13.93 8.20 -25.24
CA GLU A 434 15.14 8.65 -24.58
C GLU A 434 14.90 9.91 -23.77
N LYS A 435 13.83 10.66 -24.10
CA LYS A 435 13.44 11.83 -23.33
C LYS A 435 12.99 11.49 -21.91
N TYR A 436 12.77 10.21 -21.60
CA TYR A 436 12.41 9.84 -20.24
C TYR A 436 13.57 10.04 -19.27
N LEU A 437 14.78 10.22 -19.78
CA LEU A 437 15.99 10.54 -19.03
C LEU A 437 16.20 12.05 -19.01
N PRO A 438 16.97 12.57 -18.06
CA PRO A 438 17.14 14.02 -17.97
C PRO A 438 17.88 14.56 -19.17
N PRO A 439 17.60 15.80 -19.56
CA PRO A 439 18.17 16.32 -20.83
C PRO A 439 19.68 16.45 -20.83
N ASP A 440 20.36 16.34 -19.68
CA ASP A 440 21.82 16.35 -19.66
C ASP A 440 22.40 14.95 -19.52
N ASN A 441 21.56 13.92 -19.56
CA ASN A 441 22.05 12.55 -19.48
C ASN A 441 22.88 12.21 -20.71
N ALA A 442 24.08 11.67 -20.46
CA ALA A 442 25.04 11.42 -21.53
C ALA A 442 24.46 10.54 -22.62
N VAL A 443 23.79 9.45 -22.23
CA VAL A 443 23.30 8.49 -23.22
C VAL A 443 22.18 9.12 -24.06
N ARG A 444 21.26 9.85 -23.42
CA ARG A 444 20.24 10.56 -24.18
C ARG A 444 20.87 11.52 -25.17
N GLN A 445 21.92 12.22 -24.74
CA GLN A 445 22.54 13.24 -25.59
C GLN A 445 23.21 12.62 -26.80
N SER A 446 23.85 11.45 -26.62
CA SER A 446 24.47 10.79 -27.76
C SER A 446 23.45 10.13 -28.68
N GLN A 447 22.31 9.70 -28.13
CA GLN A 447 21.20 9.31 -29.01
C GLN A 447 20.74 10.49 -29.86
N GLU A 448 20.59 11.65 -29.23
CA GLU A 448 20.13 12.83 -29.95
C GLU A 448 21.17 13.31 -30.96
N GLN A 449 22.46 13.20 -30.65
CA GLN A 449 23.49 13.52 -31.63
C GLN A 449 23.56 12.49 -32.74
N PHE A 450 23.23 11.23 -32.45
CA PHE A 450 23.17 10.24 -33.53
C PHE A 450 22.06 10.59 -34.51
N ASP A 451 20.88 10.92 -33.98
CA ASP A 451 19.78 11.31 -34.87
C ASP A 451 20.08 12.62 -35.60
N LYS A 452 20.84 13.51 -34.95
CA LYS A 452 21.26 14.76 -35.58
C LYS A 452 22.25 14.51 -36.71
N LEU A 453 23.25 13.67 -36.46
CA LEU A 453 24.33 13.47 -37.41
C LEU A 453 23.93 12.52 -38.54
N PHE A 454 23.11 11.52 -38.23
CA PHE A 454 22.69 10.51 -39.18
C PHE A 454 21.17 10.43 -39.18
N PRO A 455 20.50 11.36 -39.86
CA PRO A 455 19.04 11.31 -39.93
C PRO A 455 18.54 10.21 -40.86
N GLY A 456 17.33 9.73 -40.58
CA GLY A 456 16.67 8.78 -41.45
C GLY A 456 16.96 7.31 -41.17
N PHE A 457 17.95 7.01 -40.33
CA PHE A 457 18.18 5.61 -39.96
C PHE A 457 17.17 5.14 -38.93
N ARG A 458 16.89 5.98 -37.93
CA ARG A 458 15.95 5.65 -36.86
C ARG A 458 14.52 5.76 -37.41
N THR A 459 13.88 4.61 -37.62
CA THR A 459 12.55 4.56 -38.21
C THR A 459 11.63 3.72 -37.34
N GLU A 460 10.33 3.96 -37.48
CA GLU A 460 9.29 3.18 -36.78
C GLU A 460 8.18 2.85 -37.77
N PRO A 461 8.47 2.00 -38.75
CA PRO A 461 7.47 1.72 -39.78
C PRO A 461 6.28 0.95 -39.23
N LEU A 462 5.14 1.17 -39.87
CA LEU A 462 4.00 0.27 -39.74
C LEU A 462 4.23 -0.94 -40.63
N THR A 463 3.72 -2.08 -40.20
CA THR A 463 3.94 -3.33 -40.91
C THR A 463 2.63 -4.04 -41.19
N LEU A 464 2.49 -4.51 -42.43
CA LEU A 464 1.47 -5.45 -42.85
C LEU A 464 2.14 -6.82 -42.85
N VAL A 465 1.80 -7.68 -41.87
CA VAL A 465 2.28 -9.05 -41.88
C VAL A 465 1.14 -9.95 -42.36
N MET A 466 1.41 -10.71 -43.41
CA MET A 466 0.43 -11.59 -44.06
C MET A 466 0.80 -13.03 -43.78
N LYS A 467 -0.18 -13.82 -43.39
CA LYS A 467 -0.04 -15.24 -43.11
C LYS A 467 -1.11 -15.98 -43.91
N ARG A 468 -0.70 -17.02 -44.63
CA ARG A 468 -1.65 -17.84 -45.38
C ARG A 468 -2.19 -18.93 -44.47
N GLU A 469 -3.49 -18.88 -44.22
CA GLU A 469 -4.16 -19.79 -43.29
C GLU A 469 -3.81 -21.24 -43.55
N ASP A 470 -3.82 -21.61 -44.83
CA ASP A 470 -3.74 -22.99 -45.30
C ASP A 470 -2.35 -23.58 -45.14
N GLY A 471 -1.33 -22.85 -45.61
CA GLY A 471 0.05 -23.30 -45.48
C GLY A 471 1.00 -23.07 -46.65
N GLU A 472 0.52 -22.70 -47.84
CA GLU A 472 1.40 -22.60 -49.01
C GLU A 472 2.19 -21.29 -48.99
N PRO A 473 3.24 -21.21 -49.81
CA PRO A 473 3.91 -19.92 -50.04
C PRO A 473 2.92 -18.84 -50.49
N ILE A 474 3.33 -17.59 -50.31
CA ILE A 474 2.55 -16.43 -50.72
C ILE A 474 3.09 -15.93 -52.06
N THR A 475 2.23 -15.89 -53.07
CA THR A 475 2.66 -15.54 -54.41
C THR A 475 2.77 -14.03 -54.57
N ASP A 476 3.62 -13.62 -55.52
CA ASP A 476 3.87 -12.20 -55.73
C ASP A 476 2.62 -11.45 -56.15
N ALA A 477 1.64 -12.14 -56.74
CA ALA A 477 0.37 -11.51 -57.05
C ALA A 477 -0.34 -11.05 -55.78
N GLN A 478 -0.31 -11.87 -54.73
CA GLN A 478 -0.92 -11.47 -53.47
C GLN A 478 -0.19 -10.29 -52.85
N ILE A 479 1.15 -10.29 -52.92
CA ILE A 479 1.92 -9.18 -52.38
C ILE A 479 1.59 -7.90 -53.12
N ALA A 480 1.46 -7.97 -54.46
CA ALA A 480 1.10 -6.79 -55.23
C ALA A 480 -0.31 -6.31 -54.89
N ASP A 481 -1.24 -7.23 -54.71
CA ASP A 481 -2.60 -6.87 -54.29
C ASP A 481 -2.57 -6.11 -52.96
N MET A 482 -1.89 -6.68 -51.97
CA MET A 482 -1.83 -6.04 -50.66
C MET A 482 -1.11 -4.70 -50.73
N ARG A 483 -0.11 -4.59 -51.61
CA ARG A 483 0.59 -3.32 -51.76
C ARG A 483 -0.32 -2.24 -52.34
N ALA A 484 -1.12 -2.60 -53.35
CA ALA A 484 -2.10 -1.65 -53.89
C ALA A 484 -3.07 -1.20 -52.80
N LYS A 485 -3.61 -2.16 -52.05
CA LYS A 485 -4.54 -1.82 -50.98
C LYS A 485 -3.86 -1.07 -49.83
N ALA A 486 -2.54 -1.14 -49.74
CA ALA A 486 -1.83 -0.25 -48.81
C ALA A 486 -1.67 1.13 -49.40
N LEU A 487 -1.56 1.21 -50.73
CA LEU A 487 -1.37 2.49 -51.41
C LEU A 487 -2.65 3.31 -51.50
N THR A 488 -3.83 2.70 -51.29
CA THR A 488 -5.04 3.53 -51.27
C THR A 488 -5.05 4.49 -50.09
N VAL A 489 -4.29 4.21 -49.03
CA VAL A 489 -4.34 4.98 -47.80
C VAL A 489 -3.22 6.02 -47.79
N SER A 490 -3.58 7.27 -47.46
CA SER A 490 -2.66 8.40 -47.49
C SER A 490 -1.76 8.42 -46.24
N GLY A 491 -0.70 9.21 -46.34
CA GLY A 491 0.09 9.60 -45.18
C GLY A 491 1.37 8.81 -44.93
N PHE A 492 1.76 7.91 -45.83
CA PHE A 492 2.97 7.12 -45.63
C PHE A 492 4.12 7.71 -46.44
N THR A 493 5.32 7.67 -45.84
CA THR A 493 6.46 8.38 -46.41
C THR A 493 6.83 7.82 -47.78
N ASP A 494 7.18 8.72 -48.69
CA ASP A 494 7.62 8.38 -50.04
C ASP A 494 8.89 9.17 -50.32
N PRO A 495 10.05 8.67 -49.87
CA PRO A 495 11.28 9.46 -50.02
C PRO A 495 11.71 9.61 -51.47
N ASP A 496 11.65 8.53 -52.26
CA ASP A 496 12.05 8.59 -53.66
C ASP A 496 10.93 9.05 -54.58
N ASN A 497 9.77 9.45 -54.02
CA ASN A 497 8.64 9.94 -54.79
C ASN A 497 8.25 8.98 -55.91
N ASP A 498 8.19 7.70 -55.56
CA ASP A 498 7.76 6.63 -56.44
C ASP A 498 6.83 5.72 -55.64
N PRO A 499 5.53 5.71 -55.95
CA PRO A 499 4.59 4.95 -55.11
C PRO A 499 4.83 3.45 -55.15
N GLU A 500 5.35 2.95 -56.26
CA GLU A 500 5.61 1.54 -56.48
C GLU A 500 6.62 0.95 -55.49
N LYS A 501 7.52 1.78 -54.94
CA LYS A 501 8.66 1.30 -54.15
C LYS A 501 8.56 1.64 -52.67
N MET A 502 7.41 2.13 -52.21
CA MET A 502 7.06 2.09 -50.79
C MET A 502 6.56 0.69 -50.44
N TRP A 503 6.35 0.46 -49.14
CA TRP A 503 5.93 -0.85 -48.64
C TRP A 503 6.87 -1.94 -49.11
N LYS A 504 8.16 -1.69 -48.95
CA LYS A 504 9.17 -2.70 -49.25
C LYS A 504 9.08 -3.84 -48.25
N GLU A 505 9.69 -4.96 -48.61
CA GLU A 505 9.66 -6.15 -47.76
C GLU A 505 10.65 -5.99 -46.60
N ARG A 506 10.24 -6.45 -45.43
CA ARG A 506 11.07 -6.37 -44.24
C ARG A 506 12.38 -7.12 -44.45
N PRO A 507 13.49 -6.65 -43.88
CA PRO A 507 14.75 -7.38 -44.00
C PRO A 507 14.69 -8.70 -43.24
N ALA A 508 15.24 -9.74 -43.86
CA ALA A 508 15.23 -11.09 -43.30
C ALA A 508 16.67 -11.50 -43.00
N ASN A 509 16.92 -11.90 -41.77
CA ASN A 509 18.26 -12.20 -41.26
C ASN A 509 18.36 -13.69 -40.87
N ASP A 510 19.52 -14.04 -40.32
CA ASP A 510 19.88 -15.44 -40.13
C ASP A 510 19.10 -16.14 -39.02
N SER A 511 18.26 -15.42 -38.27
CA SER A 511 17.46 -16.03 -37.22
C SER A 511 15.99 -16.11 -37.58
N GLY A 512 15.64 -15.86 -38.83
CA GLY A 512 14.26 -15.99 -39.29
C GLY A 512 14.06 -17.32 -39.99
N SER A 513 12.89 -17.92 -39.76
CA SER A 513 12.60 -19.20 -40.40
C SER A 513 12.37 -19.06 -41.89
N LYS A 514 12.01 -17.87 -42.37
CA LYS A 514 11.80 -17.59 -43.78
C LYS A 514 10.69 -18.47 -44.38
N ASP A 515 9.69 -18.79 -43.56
CA ASP A 515 8.54 -19.57 -44.00
C ASP A 515 7.82 -18.84 -45.13
N PRO A 516 7.72 -19.43 -46.33
CA PRO A 516 7.12 -18.71 -47.46
C PRO A 516 5.64 -18.41 -47.28
N SER A 517 4.97 -19.01 -46.30
CA SER A 517 3.56 -18.73 -46.05
C SER A 517 3.33 -17.42 -45.29
N VAL A 518 4.39 -16.68 -44.98
CA VAL A 518 4.29 -15.42 -44.26
C VAL A 518 5.17 -14.38 -44.95
N ARG A 519 4.61 -13.19 -45.19
CA ARG A 519 5.36 -12.10 -45.81
C ARG A 519 5.03 -10.79 -45.12
N VAL A 520 6.04 -9.95 -44.90
CA VAL A 520 5.86 -8.69 -44.21
C VAL A 520 6.28 -7.54 -45.13
N ILE A 521 5.41 -6.54 -45.26
CA ILE A 521 5.79 -5.28 -45.89
C ILE A 521 5.64 -4.18 -44.84
N GLN A 522 6.29 -3.06 -45.08
CA GLN A 522 6.34 -2.03 -44.05
C GLN A 522 6.66 -0.68 -44.66
N ASN A 523 6.23 0.37 -43.95
CA ASN A 523 6.48 1.74 -44.36
C ASN A 523 6.23 2.68 -43.19
N GLY A 524 7.08 3.69 -43.04
CA GLY A 524 6.92 4.66 -41.98
C GLY A 524 5.85 5.68 -42.28
N LEU A 525 5.50 6.43 -41.24
CA LEU A 525 4.51 7.50 -41.35
C LEU A 525 5.21 8.84 -41.55
N GLU A 526 4.53 9.74 -42.26
CA GLU A 526 5.07 11.09 -42.42
C GLU A 526 4.93 11.87 -41.12
N ASN A 527 3.75 11.81 -40.49
CA ASN A 527 3.53 12.34 -39.14
C ASN A 527 2.94 11.23 -38.29
N ARG A 528 3.64 10.86 -37.21
CA ARG A 528 3.21 9.72 -36.40
C ARG A 528 1.92 10.01 -35.64
N ASN A 529 1.51 11.28 -35.54
CA ASN A 529 0.25 11.60 -34.87
C ASN A 529 -0.95 10.98 -35.57
N ASP A 530 -0.82 10.64 -36.85
CA ASP A 530 -1.87 9.97 -37.60
C ASP A 530 -1.91 8.47 -37.36
N ALA A 531 -0.91 7.93 -36.65
CA ALA A 531 -0.80 6.48 -36.45
C ALA A 531 -2.14 5.86 -36.08
N ALA A 532 -2.73 6.31 -34.96
CA ALA A 532 -3.96 5.71 -34.44
C ALA A 532 -5.01 5.52 -35.53
N LYS A 533 -5.11 6.45 -36.48
CA LYS A 533 -6.12 6.31 -37.52
C LYS A 533 -5.61 5.48 -38.68
N LYS A 534 -4.35 5.69 -39.07
CA LYS A 534 -3.79 4.97 -40.22
C LYS A 534 -3.88 3.46 -40.01
N ILE A 535 -3.37 2.98 -38.88
CA ILE A 535 -3.55 1.58 -38.51
C ILE A 535 -5.01 1.18 -38.65
N ASP A 536 -5.91 1.97 -38.05
CA ASP A 536 -7.33 1.64 -38.09
C ASP A 536 -7.86 1.53 -39.51
N GLU A 537 -7.29 2.28 -40.45
CA GLU A 537 -7.73 2.10 -41.82
C GLU A 537 -7.04 0.92 -42.48
N LEU A 538 -5.77 0.69 -42.14
CA LEU A 538 -5.10 -0.48 -42.68
C LEU A 538 -5.70 -1.77 -42.12
N ARG A 539 -6.23 -1.70 -40.90
CA ARG A 539 -7.04 -2.82 -40.40
C ARG A 539 -8.39 -2.88 -41.11
N ALA A 540 -8.91 -1.72 -41.54
CA ALA A 540 -10.19 -1.70 -42.26
C ALA A 540 -10.06 -2.23 -43.67
N LEU A 541 -8.84 -2.38 -44.19
CA LEU A 541 -8.63 -2.98 -45.49
C LEU A 541 -9.15 -4.42 -45.49
N GLN A 542 -9.59 -4.87 -46.66
CA GLN A 542 -9.98 -6.28 -46.67
C GLN A 542 -8.87 -7.13 -47.27
N PRO A 543 -8.50 -8.23 -46.62
CA PRO A 543 -7.31 -8.98 -47.04
C PRO A 543 -7.53 -9.68 -48.36
N PRO A 544 -6.47 -10.16 -49.00
CA PRO A 544 -6.64 -11.06 -50.15
C PRO A 544 -7.32 -12.35 -49.72
N HIS A 545 -7.86 -13.06 -50.70
CA HIS A 545 -8.55 -14.31 -50.43
C HIS A 545 -7.60 -15.32 -49.81
N GLY A 546 -7.92 -15.75 -48.59
CA GLY A 546 -7.13 -16.74 -47.89
C GLY A 546 -5.93 -16.21 -47.12
N ILE A 547 -5.86 -14.90 -46.89
CA ILE A 547 -4.74 -14.27 -46.21
C ILE A 547 -5.26 -13.59 -44.95
N GLU A 548 -4.55 -13.78 -43.84
CA GLU A 548 -4.77 -13.05 -42.60
C GLU A 548 -3.67 -12.01 -42.47
N VAL A 549 -4.04 -10.77 -42.13
CA VAL A 549 -3.07 -9.69 -42.05
C VAL A 549 -3.15 -9.01 -40.68
N PHE A 550 -2.01 -8.90 -40.03
CA PHE A 550 -1.88 -8.23 -38.74
C PHE A 550 -1.13 -6.92 -38.96
N VAL A 551 -1.60 -5.87 -38.32
CA VAL A 551 -0.96 -4.57 -38.41
C VAL A 551 -0.05 -4.41 -37.21
N GLY A 552 1.25 -4.23 -37.46
CA GLY A 552 2.21 -4.10 -36.39
C GLY A 552 3.17 -2.95 -36.58
N GLY A 553 4.27 -2.97 -35.84
CA GLY A 553 5.18 -1.85 -35.78
C GLY A 553 5.02 -1.07 -34.49
N THR A 554 6.10 -0.39 -34.08
CA THR A 554 6.12 0.30 -32.79
C THR A 554 4.92 1.22 -32.56
N PRO A 555 4.52 2.09 -33.50
CA PRO A 555 3.31 2.89 -33.25
C PRO A 555 2.08 2.03 -33.06
N ALA A 556 1.99 0.90 -33.75
CA ALA A 556 0.85 0.00 -33.58
C ALA A 556 0.83 -0.60 -32.18
N LEU A 557 1.98 -1.06 -31.70
CA LEU A 557 2.06 -1.58 -30.34
C LEU A 557 1.61 -0.53 -29.34
N GLU A 558 2.14 0.68 -29.46
CA GLU A 558 1.82 1.73 -28.48
C GLU A 558 0.35 2.10 -28.54
N GLN A 559 -0.21 2.27 -29.75
CA GLN A 559 -1.61 2.66 -29.88
C GLN A 559 -2.54 1.56 -29.39
N ASP A 560 -2.21 0.30 -29.68
CA ASP A 560 -3.01 -0.82 -29.20
C ASP A 560 -2.99 -0.89 -27.68
N SER A 561 -1.82 -0.67 -27.08
CA SER A 561 -1.78 -0.65 -25.62
C SER A 561 -2.56 0.53 -25.03
N ILE A 562 -2.51 1.70 -25.67
CA ILE A 562 -3.26 2.85 -25.18
C ILE A 562 -4.76 2.57 -25.24
N HIS A 563 -5.22 1.98 -26.34
CA HIS A 563 -6.65 1.66 -26.43
C HIS A 563 -7.03 0.54 -25.47
N SER A 564 -6.13 -0.40 -25.22
CA SER A 564 -6.36 -1.38 -24.16
C SER A 564 -6.72 -0.68 -22.86
N LEU A 565 -5.83 0.22 -22.42
CA LEU A 565 -6.05 0.91 -21.16
C LEU A 565 -7.35 1.71 -21.18
N PHE A 566 -7.59 2.46 -22.27
CA PHE A 566 -8.77 3.32 -22.32
C PHE A 566 -10.06 2.52 -22.39
N ASP A 567 -10.00 1.33 -23.00
CA ASP A 567 -11.17 0.48 -23.11
C ASP A 567 -11.55 -0.09 -21.76
N LYS A 568 -10.57 -0.55 -20.98
CA LYS A 568 -10.90 -1.17 -19.70
C LYS A 568 -10.75 -0.24 -18.50
N LEU A 569 -10.60 1.08 -18.72
CA LEU A 569 -10.56 2.03 -17.60
C LEU A 569 -11.91 2.29 -16.93
N PRO A 570 -13.03 2.43 -17.65
CA PRO A 570 -14.30 2.72 -16.94
C PRO A 570 -14.72 1.62 -15.96
N LEU A 571 -14.59 0.35 -16.34
CA LEU A 571 -14.89 -0.73 -15.40
C LEU A 571 -13.95 -0.69 -14.21
N MET A 572 -12.68 -0.35 -14.46
CA MET A 572 -11.72 -0.16 -13.38
C MET A 572 -12.21 0.88 -12.38
N ALA A 573 -12.61 2.05 -12.90
CA ALA A 573 -13.07 3.13 -12.02
C ALA A 573 -14.33 2.74 -11.26
N LEU A 574 -15.26 2.05 -11.92
CA LEU A 574 -16.51 1.68 -11.26
C LEU A 574 -16.25 0.66 -10.14
N ILE A 575 -15.47 -0.38 -10.43
CA ILE A 575 -15.12 -1.35 -9.40
C ILE A 575 -14.46 -0.64 -8.23
N LEU A 576 -13.45 0.17 -8.53
CA LEU A 576 -12.77 0.98 -7.52
C LEU A 576 -13.76 1.70 -6.62
N ILE A 577 -14.58 2.56 -7.23
CA ILE A 577 -15.48 3.42 -6.47
C ILE A 577 -16.42 2.60 -5.61
N VAL A 578 -17.14 1.65 -6.23
CA VAL A 578 -18.23 1.01 -5.50
C VAL A 578 -17.70 0.06 -4.44
N THR A 579 -16.55 -0.59 -4.66
CA THR A 579 -15.99 -1.42 -3.59
C THR A 579 -15.49 -0.56 -2.43
N THR A 580 -14.87 0.58 -2.73
CA THR A 580 -14.47 1.47 -1.64
C THR A 580 -15.68 1.97 -0.86
N THR A 581 -16.78 2.29 -1.55
CA THR A 581 -17.94 2.82 -0.83
C THR A 581 -18.69 1.74 -0.07
N VAL A 582 -18.66 0.48 -0.53
CA VAL A 582 -19.30 -0.54 0.30
C VAL A 582 -18.43 -0.87 1.52
N LEU A 583 -17.11 -0.82 1.37
CA LEU A 583 -16.27 -0.98 2.56
C LEU A 583 -16.46 0.18 3.53
N MET A 584 -16.70 1.39 3.03
CA MET A 584 -17.00 2.50 3.92
C MET A 584 -18.42 2.44 4.48
N PHE A 585 -19.34 1.79 3.77
CA PHE A 585 -20.60 1.39 4.38
C PHE A 585 -20.33 0.54 5.61
N LEU A 586 -19.48 -0.48 5.45
CA LEU A 586 -19.15 -1.37 6.56
C LEU A 586 -18.53 -0.61 7.73
N ALA A 587 -17.63 0.33 7.43
CA ALA A 587 -16.91 1.02 8.50
C ALA A 587 -17.77 2.10 9.18
N PHE A 588 -18.29 3.06 8.39
CA PHE A 588 -18.98 4.20 8.99
C PHE A 588 -20.36 3.82 9.52
N GLY A 589 -21.02 2.85 8.89
CA GLY A 589 -22.41 2.58 9.19
C GLY A 589 -23.29 3.73 8.75
N SER A 590 -23.08 4.21 7.52
CA SER A 590 -23.86 5.31 6.99
C SER A 590 -23.95 5.19 5.48
N VAL A 591 -24.89 5.93 4.90
CA VAL A 591 -25.03 6.01 3.46
C VAL A 591 -24.59 7.37 2.91
N VAL A 592 -24.79 8.45 3.67
CA VAL A 592 -24.44 9.77 3.17
C VAL A 592 -22.93 10.03 3.31
N LEU A 593 -22.30 9.49 4.36
CA LEU A 593 -20.88 9.74 4.61
C LEU A 593 -20.00 9.07 3.56
N PRO A 594 -20.27 7.81 3.17
CA PRO A 594 -19.48 7.25 2.05
C PRO A 594 -19.71 7.97 0.73
N ILE A 595 -20.95 8.37 0.44
CA ILE A 595 -21.21 9.09 -0.81
C ILE A 595 -20.50 10.44 -0.80
N LYS A 596 -20.31 11.03 0.37
CA LYS A 596 -19.59 12.30 0.46
C LYS A 596 -18.09 12.08 0.30
N ALA A 597 -17.55 11.10 1.02
CA ALA A 597 -16.11 10.85 0.97
C ALA A 597 -15.67 10.40 -0.42
N ALA A 598 -16.54 9.66 -1.12
CA ALA A 598 -16.22 9.22 -2.47
C ALA A 598 -15.96 10.39 -3.40
N LEU A 599 -16.87 11.38 -3.40
CA LEU A 599 -16.68 12.53 -4.29
C LEU A 599 -15.59 13.46 -3.78
N MET A 600 -15.39 13.53 -2.46
CA MET A 600 -14.25 14.30 -1.96
C MET A 600 -12.94 13.71 -2.46
N SER A 601 -12.84 12.39 -2.49
CA SER A 601 -11.64 11.73 -2.99
C SER A 601 -11.54 11.82 -4.51
N ALA A 602 -12.67 11.79 -5.21
CA ALA A 602 -12.65 12.06 -6.64
C ALA A 602 -12.11 13.45 -6.92
N LEU A 603 -12.47 14.42 -6.08
CA LEU A 603 -11.95 15.78 -6.21
C LEU A 603 -10.45 15.83 -5.94
N THR A 604 -10.00 15.15 -4.89
CA THR A 604 -8.56 15.09 -4.60
C THR A 604 -7.80 14.50 -5.77
N LEU A 605 -8.28 13.37 -6.29
CA LEU A 605 -7.63 12.72 -7.43
C LEU A 605 -7.61 13.63 -8.64
N GLY A 606 -8.74 14.27 -8.94
CA GLY A 606 -8.81 15.13 -10.10
C GLY A 606 -7.82 16.28 -10.02
N SER A 607 -7.78 16.97 -8.88
CA SER A 607 -6.88 18.12 -8.77
C SER A 607 -5.42 17.68 -8.70
N THR A 608 -5.13 16.54 -8.09
CA THR A 608 -3.76 16.04 -8.10
C THR A 608 -3.29 15.75 -9.51
N MET A 609 -4.15 15.09 -10.31
CA MET A 609 -3.75 14.79 -11.68
C MET A 609 -3.67 16.05 -12.53
N GLY A 610 -4.54 17.03 -12.27
CA GLY A 610 -4.44 18.30 -12.97
C GLY A 610 -3.12 19.02 -12.69
N ILE A 611 -2.71 19.06 -11.43
CA ILE A 611 -1.41 19.65 -11.09
C ILE A 611 -0.28 18.85 -11.72
N LEU A 612 -0.39 17.52 -11.70
CA LEU A 612 0.63 16.68 -12.33
C LEU A 612 0.76 16.97 -13.82
N THR A 613 -0.35 17.27 -14.48
CA THR A 613 -0.29 17.57 -15.91
C THR A 613 0.25 18.97 -16.17
N TRP A 614 -0.13 19.93 -15.33
CA TRP A 614 0.49 21.25 -15.38
C TRP A 614 2.00 21.15 -15.18
N MET A 615 2.44 20.13 -14.43
CA MET A 615 3.86 19.98 -14.12
C MET A 615 4.63 19.28 -15.22
N PHE A 616 4.10 18.16 -15.72
CA PHE A 616 4.88 17.29 -16.59
C PHE A 616 4.50 17.36 -18.06
N VAL A 617 3.30 17.83 -18.39
CA VAL A 617 2.96 18.08 -19.79
C VAL A 617 3.16 19.55 -20.14
N ASP A 618 2.56 20.46 -19.37
CA ASP A 618 2.74 21.88 -19.61
C ASP A 618 4.12 22.37 -19.17
N GLY A 619 4.81 21.63 -18.29
CA GLY A 619 6.22 21.82 -18.03
C GLY A 619 6.59 22.63 -16.80
N HIS A 620 5.62 23.15 -16.06
CA HIS A 620 5.92 24.01 -14.92
C HIS A 620 6.56 23.17 -13.81
N GLY A 621 7.84 23.42 -13.54
CA GLY A 621 8.65 22.60 -12.66
C GLY A 621 9.73 21.82 -13.37
N SER A 622 9.74 21.84 -14.71
CA SER A 622 10.70 21.05 -15.47
C SER A 622 12.10 21.64 -15.44
N GLY A 623 12.23 22.96 -15.26
CA GLY A 623 13.55 23.56 -15.25
C GLY A 623 14.28 23.32 -13.95
N LEU A 624 13.56 23.41 -12.83
CA LEU A 624 14.17 23.20 -11.53
C LEU A 624 14.52 21.74 -11.30
N MET A 625 13.62 20.83 -11.69
CA MET A 625 13.79 19.41 -11.42
C MET A 625 14.59 18.68 -12.48
N ASN A 626 14.84 19.31 -13.63
CA ASN A 626 15.70 18.77 -14.68
C ASN A 626 15.06 17.60 -15.42
N TYR A 627 13.82 17.78 -15.88
CA TYR A 627 13.13 16.77 -16.68
C TYR A 627 12.48 17.43 -17.89
N THR A 628 12.24 16.62 -18.93
CA THR A 628 11.69 17.12 -20.20
C THR A 628 10.18 17.07 -20.17
N PRO A 629 9.49 18.18 -20.48
CA PRO A 629 8.03 18.13 -20.61
C PRO A 629 7.62 17.30 -21.81
N GLN A 630 6.66 16.38 -21.59
CA GLN A 630 6.27 15.43 -22.62
C GLN A 630 5.00 14.70 -22.23
N PRO A 631 4.38 13.93 -23.14
CA PRO A 631 3.25 13.09 -22.75
C PRO A 631 3.64 12.07 -21.70
N LEU A 632 2.62 11.49 -21.06
CA LEU A 632 2.81 10.57 -19.97
C LEU A 632 2.73 9.14 -20.47
N MET A 633 3.40 8.23 -19.76
CA MET A 633 3.22 6.81 -20.00
C MET A 633 1.78 6.43 -19.69
N ALA A 634 1.15 5.71 -20.61
CA ALA A 634 -0.28 5.43 -20.47
C ALA A 634 -0.61 4.57 -19.26
N PRO A 635 0.07 3.45 -18.98
CA PRO A 635 -0.23 2.70 -17.75
C PRO A 635 -0.09 3.52 -16.48
N MET A 636 0.78 4.53 -16.50
CA MET A 636 0.92 5.42 -15.34
C MET A 636 -0.41 6.05 -14.96
N ILE A 637 -1.32 6.23 -15.91
CA ILE A 637 -2.63 6.81 -15.60
C ILE A 637 -3.41 5.89 -14.67
N GLY A 638 -3.57 4.63 -15.05
CA GLY A 638 -4.26 3.68 -14.20
C GLY A 638 -3.56 3.51 -12.86
N LEU A 639 -2.23 3.42 -12.88
CA LEU A 639 -1.47 3.27 -11.64
C LEU A 639 -1.70 4.44 -10.70
N ILE A 640 -1.64 5.67 -11.22
CA ILE A 640 -1.78 6.85 -10.39
C ILE A 640 -3.21 6.99 -9.90
N ILE A 641 -4.20 6.61 -10.72
CA ILE A 641 -5.59 6.62 -10.26
C ILE A 641 -5.74 5.69 -9.06
N ALA A 642 -5.30 4.45 -9.20
CA ALA A 642 -5.41 3.48 -8.12
C ALA A 642 -4.69 3.97 -6.87
N VAL A 643 -3.45 4.41 -7.02
CA VAL A 643 -2.64 4.76 -5.86
C VAL A 643 -3.22 5.96 -5.12
N ILE A 644 -3.53 7.03 -5.85
CA ILE A 644 -4.03 8.24 -5.20
C ILE A 644 -5.40 8.01 -4.58
N TRP A 645 -6.27 7.28 -5.30
CA TRP A 645 -7.58 6.97 -4.75
C TRP A 645 -7.47 6.18 -3.46
N GLY A 646 -6.66 5.11 -3.48
CA GLY A 646 -6.45 4.34 -2.27
C GLY A 646 -5.91 5.18 -1.13
N LEU A 647 -4.96 6.07 -1.44
CA LEU A 647 -4.39 6.94 -0.41
C LEU A 647 -5.46 7.80 0.24
N SER A 648 -6.26 8.47 -0.58
CA SER A 648 -7.23 9.41 -0.04
C SER A 648 -8.31 8.71 0.78
N THR A 649 -8.83 7.58 0.27
CA THR A 649 -9.87 6.89 1.05
C THR A 649 -9.29 6.23 2.30
N ASP A 650 -8.04 5.77 2.25
CA ASP A 650 -7.39 5.27 3.46
C ASP A 650 -7.33 6.35 4.53
N TYR A 651 -6.86 7.54 4.17
CA TYR A 651 -6.76 8.61 5.15
C TYR A 651 -8.13 9.03 5.67
N GLU A 652 -9.12 9.14 4.77
CA GLU A 652 -10.43 9.59 5.19
C GLU A 652 -11.10 8.57 6.11
N VAL A 653 -10.94 7.27 5.84
CA VAL A 653 -11.48 6.26 6.74
C VAL A 653 -10.78 6.35 8.09
N PHE A 654 -9.43 6.42 8.07
CA PHE A 654 -8.69 6.48 9.32
C PHE A 654 -9.16 7.65 10.18
N LEU A 655 -9.40 8.80 9.57
CA LEU A 655 -9.79 9.94 10.39
C LEU A 655 -11.24 9.83 10.86
N VAL A 656 -12.19 9.76 9.92
CA VAL A 656 -13.60 9.92 10.29
C VAL A 656 -14.11 8.69 11.03
N SER A 657 -13.25 7.67 11.09
CA SER A 657 -13.53 6.53 11.95
C SER A 657 -13.71 6.95 13.39
N ARG A 658 -12.71 7.65 13.95
CA ARG A 658 -12.81 8.09 15.32
C ARG A 658 -13.98 9.05 15.53
N MET A 659 -14.39 9.77 14.48
CA MET A 659 -15.55 10.64 14.62
C MET A 659 -16.84 9.85 14.70
N VAL A 660 -16.98 8.80 13.89
CA VAL A 660 -18.16 7.96 14.01
C VAL A 660 -18.16 7.25 15.36
N GLU A 661 -16.98 6.89 15.88
CA GLU A 661 -16.93 6.33 17.23
C GLU A 661 -17.29 7.36 18.29
N ALA A 662 -16.96 8.63 18.05
CA ALA A 662 -17.35 9.68 18.99
C ALA A 662 -18.87 9.84 19.03
N ARG A 663 -19.50 9.90 17.86
CA ARG A 663 -20.96 9.99 17.84
C ARG A 663 -21.61 8.72 18.37
N GLU A 664 -20.92 7.57 18.26
CA GLU A 664 -21.44 6.35 18.87
C GLU A 664 -21.26 6.34 20.38
N ARG A 665 -20.28 7.07 20.90
CA ARG A 665 -20.05 7.20 22.33
C ARG A 665 -20.77 8.41 22.92
N GLY A 666 -22.03 8.61 22.52
CA GLY A 666 -22.86 9.65 23.09
C GLY A 666 -22.55 11.09 22.74
N MET A 667 -21.31 11.32 22.29
CA MET A 667 -20.87 12.66 21.86
C MET A 667 -21.80 13.17 20.77
N SER A 668 -21.85 14.49 20.58
CA SER A 668 -22.67 15.16 19.61
C SER A 668 -21.97 15.17 18.29
N THR A 669 -22.64 15.65 17.25
CA THR A 669 -22.00 15.70 15.96
C THR A 669 -20.81 16.62 16.04
N ALA A 670 -21.05 17.84 16.44
CA ALA A 670 -20.00 18.83 16.51
C ALA A 670 -18.85 18.38 17.34
N GLU A 671 -19.07 18.03 18.58
CA GLU A 671 -17.94 17.62 19.36
C GLU A 671 -17.51 16.30 18.80
N ALA A 672 -18.29 15.78 17.87
CA ALA A 672 -17.79 14.51 17.35
C ALA A 672 -16.71 14.75 16.30
N ILE A 673 -16.96 15.71 15.40
CA ILE A 673 -15.95 16.08 14.41
C ILE A 673 -14.67 16.54 15.10
N ARG A 674 -14.84 17.34 16.15
CA ARG A 674 -13.69 17.89 16.93
C ARG A 674 -12.89 16.75 17.59
N ILE A 675 -13.58 15.88 18.33
CA ILE A 675 -12.92 14.77 19.03
C ILE A 675 -12.21 13.87 18.03
N GLY A 676 -12.80 13.68 16.85
CA GLY A 676 -12.16 12.86 15.85
C GLY A 676 -10.89 13.48 15.31
N THR A 677 -10.95 14.76 14.91
CA THR A 677 -9.76 15.40 14.39
C THR A 677 -8.68 15.54 15.46
N ALA A 678 -9.07 15.71 16.73
CA ALA A 678 -8.13 15.99 17.80
C ALA A 678 -7.13 14.87 18.07
N THR A 679 -7.61 13.73 18.56
CA THR A 679 -6.73 12.63 18.93
C THR A 679 -6.00 12.03 17.74
N THR A 680 -6.42 12.37 16.52
CA THR A 680 -5.82 11.83 15.30
C THR A 680 -4.74 12.73 14.73
N GLY A 681 -4.96 14.05 14.74
CA GLY A 681 -4.08 15.02 14.13
C GLY A 681 -2.59 14.74 14.19
N ARG A 682 -2.04 14.58 15.39
CA ARG A 682 -0.59 14.39 15.52
C ARG A 682 -0.12 13.17 14.74
N LEU A 683 -0.81 12.04 14.91
CA LEU A 683 -0.36 10.82 14.26
C LEU A 683 -0.58 10.88 12.75
N ILE A 684 -1.68 11.48 12.32
CA ILE A 684 -1.92 11.66 10.89
C ILE A 684 -0.79 12.47 10.26
N THR A 685 -0.44 13.61 10.87
CA THR A 685 0.62 14.42 10.28
C THR A 685 1.97 13.74 10.39
N GLY A 686 2.21 12.97 11.45
CA GLY A 686 3.48 12.26 11.53
C GLY A 686 3.64 11.25 10.41
N ALA A 687 2.63 10.39 10.22
CA ALA A 687 2.69 9.40 9.15
C ALA A 687 2.75 10.08 7.79
N ALA A 688 1.95 11.14 7.60
CA ALA A 688 2.00 11.93 6.38
C ALA A 688 3.41 12.44 6.11
N LEU A 689 4.08 12.95 7.15
CA LEU A 689 5.43 13.48 7.00
C LEU A 689 6.43 12.39 6.65
N ILE A 690 6.31 11.21 7.25
CA ILE A 690 7.25 10.13 6.97
C ILE A 690 7.16 9.71 5.50
N LEU A 691 5.94 9.42 5.03
CA LEU A 691 5.81 9.00 3.64
C LEU A 691 6.13 10.15 2.69
N ALA A 692 5.86 11.39 3.11
CA ALA A 692 6.25 12.54 2.31
C ALA A 692 7.75 12.62 2.16
N VAL A 693 8.48 12.30 3.23
CA VAL A 693 9.94 12.32 3.19
C VAL A 693 10.44 11.31 2.16
N VAL A 694 9.92 10.09 2.20
CA VAL A 694 10.45 9.10 1.26
C VAL A 694 9.99 9.38 -0.17
N ALA A 695 8.78 9.91 -0.34
CA ALA A 695 8.30 10.28 -1.67
C ALA A 695 9.14 11.42 -2.24
N GLY A 696 9.52 12.39 -1.41
CA GLY A 696 10.41 13.45 -1.83
C GLY A 696 11.83 12.99 -2.06
N ALA A 697 12.22 11.88 -1.43
CA ALA A 697 13.46 11.23 -1.84
C ALA A 697 13.34 10.69 -3.26
N PHE A 698 12.16 10.18 -3.62
CA PHE A 698 12.02 9.56 -4.94
C PHE A 698 11.77 10.55 -6.06
N VAL A 699 11.18 11.74 -5.79
CA VAL A 699 10.87 12.68 -6.86
C VAL A 699 12.11 13.24 -7.55
N PHE A 700 13.31 12.93 -7.05
CA PHE A 700 14.55 13.36 -7.68
C PHE A 700 15.07 12.35 -8.70
N SER A 701 14.28 11.33 -9.03
CA SER A 701 14.74 10.27 -9.91
C SER A 701 15.00 10.79 -11.32
N ASP A 702 15.89 10.10 -12.03
CA ASP A 702 16.17 10.44 -13.43
C ASP A 702 15.12 9.89 -14.38
N LEU A 703 14.39 8.86 -13.97
CA LEU A 703 13.30 8.32 -14.77
C LEU A 703 12.04 9.12 -14.50
N VAL A 704 11.50 9.76 -15.55
CA VAL A 704 10.44 10.75 -15.36
C VAL A 704 9.14 10.09 -14.91
N MET A 705 8.91 8.82 -15.23
CA MET A 705 7.74 8.13 -14.70
C MET A 705 7.78 8.09 -13.18
N MET A 706 8.97 7.83 -12.63
CA MET A 706 9.15 7.86 -11.19
C MET A 706 8.83 9.25 -10.63
N LYS A 707 9.32 10.30 -11.30
CA LYS A 707 9.04 11.66 -10.85
C LYS A 707 7.55 11.92 -10.83
N TYR A 708 6.85 11.54 -11.90
CA TYR A 708 5.40 11.75 -11.97
C TYR A 708 4.69 11.07 -10.81
N LEU A 709 4.99 9.79 -10.58
CA LEU A 709 4.27 9.06 -9.54
C LEU A 709 4.58 9.59 -8.15
N ALA A 710 5.86 9.85 -7.88
CA ALA A 710 6.22 10.31 -6.54
C ALA A 710 5.72 11.74 -6.28
N PHE A 711 5.66 12.57 -7.32
CA PHE A 711 5.05 13.89 -7.17
C PHE A 711 3.56 13.80 -6.94
N GLY A 712 2.89 12.89 -7.65
CA GLY A 712 1.48 12.65 -7.37
C GLY A 712 1.26 12.21 -5.93
N LEU A 713 2.16 11.38 -5.41
CA LEU A 713 2.11 10.99 -4.00
C LEU A 713 2.21 12.21 -3.09
N LEU A 714 3.25 13.03 -3.31
CA LEU A 714 3.44 14.21 -2.46
C LEU A 714 2.22 15.14 -2.52
N ILE A 715 1.68 15.37 -3.71
CA ILE A 715 0.58 16.32 -3.88
C ILE A 715 -0.68 15.79 -3.20
N ALA A 716 -1.09 14.57 -3.55
CA ALA A 716 -2.26 13.96 -2.92
C ALA A 716 -2.10 13.89 -1.41
N LEU A 717 -0.88 13.64 -0.94
CA LEU A 717 -0.59 13.58 0.48
C LEU A 717 -0.83 14.94 1.13
N LEU A 718 -0.23 15.99 0.58
CA LEU A 718 -0.33 17.30 1.22
C LEU A 718 -1.74 17.87 1.09
N LEU A 719 -2.50 17.42 0.10
CA LEU A 719 -3.91 17.81 0.00
C LEU A 719 -4.77 17.04 0.99
N ASP A 720 -4.44 15.77 1.26
CA ASP A 720 -5.24 14.95 2.15
C ASP A 720 -4.93 15.20 3.62
N ALA A 721 -3.73 15.69 3.92
CA ALA A 721 -3.29 15.90 5.33
C ALA A 721 -3.66 17.29 5.87
N THR A 722 -4.02 18.24 5.01
CA THR A 722 -4.35 19.56 5.49
C THR A 722 -5.57 20.32 4.98
N ILE A 723 -5.72 20.45 3.66
CA ILE A 723 -6.88 21.15 3.12
C ILE A 723 -8.16 20.36 3.37
N ILE A 724 -8.23 19.13 2.84
CA ILE A 724 -9.45 18.34 3.03
C ILE A 724 -9.62 17.92 4.49
N ARG A 725 -8.54 17.40 5.08
CA ARG A 725 -8.57 16.87 6.48
C ARG A 725 -8.95 17.93 7.52
N MET A 726 -8.45 19.16 7.38
CA MET A 726 -8.68 20.20 8.36
C MET A 726 -9.88 21.07 8.01
N PHE A 727 -10.10 21.38 6.73
CA PHE A 727 -11.10 22.37 6.35
C PHE A 727 -12.32 21.79 5.65
N LEU A 728 -12.13 20.83 4.72
CA LEU A 728 -13.25 20.39 3.91
C LEU A 728 -14.19 19.47 4.68
N VAL A 729 -13.65 18.42 5.31
CA VAL A 729 -14.52 17.44 5.97
C VAL A 729 -15.32 18.04 7.11
N PRO A 730 -14.76 18.90 8.00
CA PRO A 730 -15.60 19.34 9.13
C PRO A 730 -16.72 20.26 8.70
N ALA A 731 -16.46 21.17 7.78
CA ALA A 731 -17.53 22.01 7.25
C ALA A 731 -18.59 21.17 6.55
N VAL A 732 -18.16 20.34 5.59
CA VAL A 732 -19.12 19.55 4.81
C VAL A 732 -19.95 18.65 5.72
N MET A 733 -19.37 18.17 6.81
CA MET A 733 -20.11 17.33 7.76
C MET A 733 -20.85 18.14 8.83
N LYS A 734 -20.61 19.44 8.92
CA LYS A 734 -21.45 20.25 9.78
C LYS A 734 -22.74 20.62 9.07
N LEU A 735 -22.66 20.91 7.77
CA LEU A 735 -23.85 21.33 7.03
C LEU A 735 -24.81 20.16 6.85
N LEU A 736 -24.25 18.97 6.61
CA LEU A 736 -24.98 17.75 6.90
C LEU A 736 -25.07 17.66 8.42
N GLY A 737 -26.13 18.22 9.00
CA GLY A 737 -26.18 18.44 10.44
C GLY A 737 -26.15 17.19 11.30
N ASP A 738 -27.28 16.47 11.34
CA ASP A 738 -27.37 15.21 12.05
C ASP A 738 -27.72 14.05 11.14
N ASP A 739 -28.07 14.30 9.88
CA ASP A 739 -28.22 13.24 8.89
C ASP A 739 -26.89 12.78 8.34
N CYS A 740 -25.78 13.19 8.95
CA CYS A 740 -24.46 12.68 8.58
C CYS A 740 -24.37 11.18 8.77
N TRP A 741 -25.12 10.64 9.73
CA TRP A 741 -25.28 9.20 9.89
C TRP A 741 -26.74 8.87 9.64
N TRP A 742 -27.02 8.34 8.46
CA TRP A 742 -28.33 7.77 8.15
C TRP A 742 -28.13 6.26 8.07
N ALA A 743 -28.71 5.54 9.01
CA ALA A 743 -28.64 4.08 9.08
C ALA A 743 -30.00 3.51 8.70
N PRO A 744 -30.20 3.15 7.41
CA PRO A 744 -31.44 2.56 6.94
C PRO A 744 -31.48 1.03 7.16
N ARG A 745 -32.69 0.49 7.31
CA ARG A 745 -32.94 -0.94 7.51
C ARG A 745 -32.25 -1.59 8.70
N TRP A 746 -31.72 -2.80 8.49
CA TRP A 746 -30.88 -3.55 9.41
C TRP A 746 -29.44 -3.68 8.89
N MET A 747 -28.91 -2.59 8.33
CA MET A 747 -27.54 -2.52 7.82
C MET A 747 -26.67 -1.65 8.72
N LYS A 748 -26.97 -1.68 10.02
CA LYS A 748 -26.23 -0.87 10.98
C LYS A 748 -25.90 -1.67 12.22
N ARG A 749 -24.78 -1.34 12.85
CA ARG A 749 -24.37 -2.04 14.06
C ARG A 749 -25.26 -1.64 15.22
N VAL A 750 -26.10 -2.57 15.69
CA VAL A 750 -26.68 -2.39 17.00
C VAL A 750 -25.59 -2.58 18.05
N GLN A 751 -25.78 -1.96 19.21
CA GLN A 751 -24.82 -2.16 20.28
C GLN A 751 -25.24 -3.30 21.17
N GLU A 752 -24.26 -4.11 21.54
CA GLU A 752 -24.45 -5.41 22.16
C GLU A 752 -24.47 -5.30 23.67
N LYS A 753 -24.54 -6.47 24.31
CA LYS A 753 -24.70 -6.55 25.76
C LYS A 753 -23.59 -5.83 26.49
N GLU A 754 -23.96 -4.79 27.24
CA GLU A 754 -23.02 -4.09 28.10
C GLU A 754 -22.74 -4.94 29.33
N PHE A 755 -21.47 -5.22 29.58
CA PHE A 755 -21.06 -5.98 30.76
C PHE A 755 -21.59 -5.31 32.02
N ASN A 756 -21.98 -6.13 33.00
CA ASN A 756 -22.65 -5.61 34.19
C ASN A 756 -22.12 -6.31 35.44
N ILE A 757 -22.63 -5.89 36.60
CA ILE A 757 -22.18 -6.43 37.88
C ILE A 757 -22.55 -7.90 38.02
N PHE A 758 -23.67 -8.31 37.41
CA PHE A 758 -24.06 -9.71 37.44
C PHE A 758 -22.99 -10.59 36.82
N GLU A 759 -22.51 -10.21 35.63
CA GLU A 759 -21.45 -10.97 34.98
C GLU A 759 -20.16 -10.93 35.79
N MET A 760 -19.85 -9.77 36.37
CA MET A 760 -18.61 -9.60 37.14
C MET A 760 -18.56 -10.60 38.30
N LEU A 761 -19.61 -10.66 39.10
CA LEU A 761 -19.56 -11.56 40.24
C LEU A 761 -19.95 -12.99 39.91
N ARG A 762 -20.62 -13.21 38.77
CA ARG A 762 -20.70 -14.58 38.25
C ARG A 762 -19.29 -15.11 37.98
N ILE A 763 -18.42 -14.26 37.44
CA ILE A 763 -17.01 -14.63 37.35
C ILE A 763 -16.44 -14.88 38.74
N ASP A 764 -16.59 -13.91 39.64
CA ASP A 764 -15.85 -13.97 40.89
C ASP A 764 -16.42 -14.95 41.90
N GLU A 765 -17.71 -15.26 41.84
CA GLU A 765 -18.34 -16.14 42.81
C GLU A 765 -19.08 -17.32 42.19
N GLY A 766 -19.02 -17.48 40.88
CA GLY A 766 -19.68 -18.58 40.21
C GLY A 766 -21.17 -18.38 40.09
N LEU A 767 -21.77 -19.18 39.23
CA LEU A 767 -23.22 -19.26 39.07
C LEU A 767 -23.61 -20.72 39.06
N ARG A 768 -24.24 -21.18 40.14
CA ARG A 768 -24.68 -22.56 40.28
C ARG A 768 -26.18 -22.57 40.44
N LEU A 769 -26.87 -23.26 39.52
CA LEU A 769 -28.32 -23.28 39.52
C LEU A 769 -28.90 -24.36 40.41
N LYS A 770 -28.09 -25.25 40.96
CA LYS A 770 -28.52 -26.26 41.91
C LYS A 770 -27.84 -26.00 43.25
N ILE A 771 -28.57 -26.26 44.33
CA ILE A 771 -28.03 -26.09 45.68
C ILE A 771 -26.71 -26.82 45.81
N TYR A 772 -25.75 -26.20 46.48
CA TYR A 772 -24.48 -26.83 46.78
C TYR A 772 -24.02 -26.40 48.16
N LYS A 773 -22.86 -26.89 48.57
CA LYS A 773 -22.22 -26.48 49.81
C LYS A 773 -20.95 -25.70 49.48
N ASP A 774 -20.82 -24.51 50.05
CA ASP A 774 -19.62 -23.71 49.84
C ASP A 774 -18.48 -24.24 50.70
N THR A 775 -17.37 -23.49 50.73
CA THR A 775 -16.16 -23.96 51.42
C THR A 775 -16.35 -24.00 52.92
N GLU A 776 -17.51 -23.57 53.39
CA GLU A 776 -17.88 -23.68 54.81
C GLU A 776 -18.98 -24.70 55.05
N GLY A 777 -19.33 -25.50 54.04
CA GLY A 777 -20.39 -26.49 54.20
C GLY A 777 -21.79 -25.92 54.25
N TYR A 778 -21.98 -24.64 53.95
CA TYR A 778 -23.29 -24.02 54.02
C TYR A 778 -24.01 -24.12 52.68
N TYR A 779 -25.32 -24.36 52.74
CA TYR A 779 -26.12 -24.52 51.53
C TYR A 779 -26.25 -23.18 50.82
N THR A 780 -25.68 -23.11 49.61
CA THR A 780 -25.60 -21.90 48.82
C THR A 780 -26.16 -22.20 47.42
N ILE A 781 -26.63 -21.15 46.74
CA ILE A 781 -27.16 -21.27 45.40
C ILE A 781 -26.97 -19.95 44.66
N GLY A 782 -27.15 -19.97 43.34
CA GLY A 782 -27.05 -18.76 42.55
C GLY A 782 -25.63 -18.23 42.50
N ILE A 783 -25.51 -16.92 42.66
CA ILE A 783 -24.21 -16.26 42.76
C ILE A 783 -23.95 -16.06 44.25
N GLY A 784 -23.34 -17.07 44.87
CA GLY A 784 -22.87 -16.96 46.24
C GLY A 784 -23.95 -16.64 47.26
N HIS A 785 -25.19 -17.04 47.00
CA HIS A 785 -26.31 -16.67 47.87
C HIS A 785 -26.48 -17.72 48.96
N LEU A 786 -26.19 -17.33 50.20
CA LEU A 786 -26.39 -18.22 51.33
C LEU A 786 -27.87 -18.45 51.57
N LEU A 787 -28.28 -19.72 51.59
CA LEU A 787 -29.65 -20.08 51.91
C LEU A 787 -29.85 -20.21 53.42
N THR A 788 -29.02 -21.02 54.07
CA THR A 788 -29.13 -21.26 55.50
C THR A 788 -27.84 -21.88 56.00
N LYS A 789 -27.52 -21.63 57.26
CA LYS A 789 -26.42 -22.29 57.94
C LYS A 789 -26.83 -23.61 58.56
N SER A 790 -28.09 -24.02 58.38
CA SER A 790 -28.54 -25.29 58.89
C SER A 790 -27.92 -26.44 58.10
N PRO A 791 -27.77 -27.61 58.71
CA PRO A 791 -27.28 -28.78 57.97
C PRO A 791 -28.36 -29.50 57.17
N SER A 792 -29.64 -29.22 57.44
CA SER A 792 -30.71 -29.90 56.71
C SER A 792 -30.81 -29.34 55.30
N LEU A 793 -30.53 -30.20 54.31
CA LEU A 793 -30.77 -29.79 52.92
C LEU A 793 -32.24 -29.47 52.70
N ASN A 794 -33.14 -30.10 53.45
CA ASN A 794 -34.56 -29.83 53.28
C ASN A 794 -34.95 -28.47 53.83
N ALA A 795 -34.28 -27.99 54.88
CA ALA A 795 -34.50 -26.61 55.31
C ALA A 795 -34.03 -25.63 54.25
N ALA A 796 -32.88 -25.92 53.62
CA ALA A 796 -32.40 -25.10 52.52
C ALA A 796 -33.39 -25.10 51.36
N LYS A 797 -33.95 -26.26 51.04
CA LYS A 797 -34.98 -26.35 50.00
C LYS A 797 -36.21 -25.55 50.39
N SER A 798 -36.59 -25.56 51.67
CA SER A 798 -37.72 -24.76 52.13
C SER A 798 -37.46 -23.28 51.91
N GLU A 799 -36.30 -22.78 52.34
CA GLU A 799 -36.02 -21.35 52.20
C GLU A 799 -35.84 -20.95 50.74
N LEU A 800 -35.32 -21.86 49.90
CA LEU A 800 -35.19 -21.54 48.48
C LEU A 800 -36.55 -21.54 47.79
N ASP A 801 -37.44 -22.46 48.18
CA ASP A 801 -38.80 -22.43 47.68
C ASP A 801 -39.52 -21.15 48.09
N LYS A 802 -39.28 -20.70 49.33
CA LYS A 802 -39.86 -19.44 49.78
C LYS A 802 -39.29 -18.26 49.01
N ALA A 803 -37.99 -18.26 48.76
CA ALA A 803 -37.34 -17.14 48.10
C ALA A 803 -37.75 -17.04 46.64
N ILE A 804 -37.88 -18.17 45.95
CA ILE A 804 -38.15 -18.15 44.52
C ILE A 804 -39.65 -18.06 44.22
N GLY A 805 -40.50 -18.59 45.09
CA GLY A 805 -41.94 -18.49 44.93
C GLY A 805 -42.62 -19.75 44.44
N ARG A 806 -41.85 -20.75 44.01
CA ARG A 806 -42.36 -22.06 43.62
C ARG A 806 -41.71 -23.11 44.53
N ASN A 807 -41.95 -24.38 44.23
CA ASN A 807 -41.18 -25.45 44.84
C ASN A 807 -40.12 -25.88 43.83
N THR A 808 -38.86 -25.81 44.24
CA THR A 808 -37.76 -25.87 43.30
C THR A 808 -37.05 -27.21 43.28
N ASN A 809 -37.19 -28.00 44.36
CA ASN A 809 -36.37 -29.20 44.57
C ASN A 809 -34.89 -28.88 44.43
N GLY A 810 -34.52 -27.66 44.79
CA GLY A 810 -33.12 -27.28 44.87
C GLY A 810 -32.48 -26.76 43.61
N VAL A 811 -33.26 -26.48 42.57
CA VAL A 811 -32.71 -26.01 41.30
C VAL A 811 -33.54 -24.82 40.82
N ILE A 812 -32.84 -23.81 40.27
CA ILE A 812 -33.44 -22.60 39.74
C ILE A 812 -32.93 -22.36 38.33
N THR A 813 -33.59 -21.44 37.63
CA THR A 813 -33.15 -21.03 36.31
C THR A 813 -32.17 -19.86 36.42
N LYS A 814 -31.58 -19.51 35.28
CA LYS A 814 -30.58 -18.45 35.26
C LYS A 814 -31.19 -17.11 35.65
N ASP A 815 -32.39 -16.81 35.12
CA ASP A 815 -33.02 -15.52 35.42
C ASP A 815 -33.41 -15.41 36.89
N GLU A 816 -33.81 -16.52 37.52
CA GLU A 816 -34.09 -16.49 38.95
C GLU A 816 -32.82 -16.24 39.76
N ALA A 817 -31.70 -16.83 39.32
CA ALA A 817 -30.43 -16.53 39.97
C ALA A 817 -30.07 -15.06 39.82
N GLU A 818 -30.32 -14.48 38.64
CA GLU A 818 -30.08 -13.06 38.44
C GLU A 818 -30.97 -12.22 39.35
N LYS A 819 -32.21 -12.65 39.56
CA LYS A 819 -33.11 -11.94 40.47
C LYS A 819 -32.58 -11.98 41.91
N LEU A 820 -32.19 -13.16 42.38
CA LEU A 820 -31.59 -13.28 43.71
C LEU A 820 -30.36 -12.39 43.84
N PHE A 821 -29.52 -12.38 42.79
CA PHE A 821 -28.31 -11.56 42.83
C PHE A 821 -28.65 -10.07 42.87
N ASN A 822 -29.66 -9.63 42.11
CA ASN A 822 -30.07 -8.24 42.17
C ASN A 822 -30.55 -7.85 43.56
N GLN A 823 -31.29 -8.76 44.21
CA GLN A 823 -31.73 -8.49 45.57
C GLN A 823 -30.54 -8.35 46.52
N ASP A 824 -29.55 -9.25 46.39
CA ASP A 824 -28.37 -9.16 47.25
C ASP A 824 -27.59 -7.87 46.98
N VAL A 825 -27.52 -7.44 45.72
CA VAL A 825 -26.83 -6.21 45.38
C VAL A 825 -27.52 -5.02 46.01
N ASP A 826 -28.86 -5.02 45.98
CA ASP A 826 -29.61 -3.94 46.62
C ASP A 826 -29.34 -3.92 48.12
N ALA A 827 -29.30 -5.10 48.76
CA ALA A 827 -29.01 -5.15 50.19
C ALA A 827 -27.62 -4.60 50.48
N ALA A 828 -26.63 -4.95 49.65
CA ALA A 828 -25.27 -4.48 49.87
C ALA A 828 -25.16 -2.98 49.68
N VAL A 829 -25.88 -2.43 48.69
CA VAL A 829 -25.84 -0.99 48.47
C VAL A 829 -26.50 -0.26 49.63
N ARG A 830 -27.64 -0.76 50.10
CA ARG A 830 -28.27 -0.17 51.28
C ARG A 830 -27.34 -0.18 52.48
N GLY A 831 -26.64 -1.30 52.70
CA GLY A 831 -25.67 -1.35 53.77
C GLY A 831 -24.53 -0.37 53.58
N ILE A 832 -24.11 -0.16 52.33
CA ILE A 832 -23.02 0.76 52.04
C ILE A 832 -23.44 2.20 52.33
N LEU A 833 -24.58 2.61 51.78
CA LEU A 833 -25.07 3.96 52.00
C LEU A 833 -25.36 4.24 53.48
N ARG A 834 -25.46 3.19 54.30
CA ARG A 834 -25.71 3.32 55.73
C ARG A 834 -24.43 3.45 56.55
N ASN A 835 -23.27 3.24 55.92
CA ASN A 835 -21.98 3.22 56.61
C ASN A 835 -21.27 4.54 56.37
N ALA A 836 -20.95 5.26 57.45
CA ALA A 836 -20.33 6.57 57.30
C ALA A 836 -18.95 6.48 56.67
N LYS A 837 -18.27 5.34 56.82
CA LYS A 837 -16.94 5.17 56.24
C LYS A 837 -16.99 4.82 54.76
N LEU A 838 -18.13 4.35 54.26
CA LEU A 838 -18.23 3.89 52.88
C LEU A 838 -19.10 4.74 51.99
N LYS A 839 -20.11 5.42 52.53
CA LYS A 839 -20.99 6.23 51.70
C LYS A 839 -20.27 7.31 50.89
N PRO A 840 -19.32 8.08 51.44
CA PRO A 840 -18.67 9.11 50.61
C PRO A 840 -17.94 8.55 49.41
N VAL A 841 -17.05 7.56 49.62
CA VAL A 841 -16.32 6.99 48.50
C VAL A 841 -17.29 6.36 47.49
N TYR A 842 -18.39 5.78 47.98
CA TYR A 842 -19.31 5.13 47.06
C TYR A 842 -20.02 6.16 46.19
N ASP A 843 -20.46 7.27 46.79
CA ASP A 843 -21.04 8.34 45.98
C ASP A 843 -19.99 8.92 45.03
N SER A 844 -18.73 8.92 45.42
CA SER A 844 -17.67 9.43 44.58
C SER A 844 -17.59 8.68 43.24
N LEU A 845 -17.80 7.37 43.27
CA LEU A 845 -17.36 6.51 42.18
C LEU A 845 -18.36 6.45 41.03
N ASP A 846 -17.85 6.06 39.87
CA ASP A 846 -18.67 5.72 38.72
C ASP A 846 -19.29 4.33 38.92
N ALA A 847 -20.17 3.96 37.99
CA ALA A 847 -20.95 2.73 38.17
C ALA A 847 -20.05 1.49 38.17
N VAL A 848 -19.04 1.47 37.32
CA VAL A 848 -18.14 0.32 37.24
C VAL A 848 -17.33 0.18 38.55
N ARG A 849 -16.75 1.29 39.01
CA ARG A 849 -16.02 1.25 40.27
C ARG A 849 -16.97 1.04 41.45
N ARG A 850 -18.21 1.50 41.34
CA ARG A 850 -19.21 1.16 42.34
C ARG A 850 -19.42 -0.35 42.40
N ALA A 851 -19.45 -1.00 41.24
CA ALA A 851 -19.56 -2.46 41.23
C ALA A 851 -18.33 -3.11 41.84
N ALA A 852 -17.15 -2.52 41.63
CA ALA A 852 -15.95 -3.04 42.29
C ALA A 852 -16.08 -2.94 43.81
N LEU A 853 -16.62 -1.83 44.31
CA LEU A 853 -16.80 -1.68 45.75
C LEU A 853 -17.83 -2.66 46.30
N ILE A 854 -18.93 -2.85 45.57
CA ILE A 854 -19.95 -3.81 45.98
C ILE A 854 -19.37 -5.22 45.98
N ASN A 855 -18.47 -5.51 45.03
CA ASN A 855 -17.76 -6.79 45.00
C ASN A 855 -16.94 -6.97 46.27
N MET A 856 -16.14 -5.96 46.62
CA MET A 856 -15.35 -6.03 47.85
C MET A 856 -16.23 -6.25 49.07
N VAL A 857 -17.37 -5.53 49.13
CA VAL A 857 -18.29 -5.69 50.26
C VAL A 857 -18.82 -7.12 50.31
N PHE A 858 -19.30 -7.61 49.16
CA PHE A 858 -19.78 -9.00 49.08
C PHE A 858 -18.75 -9.96 49.66
N GLN A 859 -17.49 -9.81 49.26
CA GLN A 859 -16.46 -10.75 49.71
C GLN A 859 -16.25 -10.66 51.21
N MET A 860 -15.97 -9.46 51.72
CA MET A 860 -15.38 -9.35 53.06
C MET A 860 -16.20 -8.58 54.09
N GLY A 861 -17.39 -8.09 53.77
CA GLY A 861 -18.14 -7.29 54.71
C GLY A 861 -17.78 -5.81 54.66
N GLU A 862 -18.72 -5.00 55.14
CA GLU A 862 -18.53 -3.56 55.09
C GLU A 862 -17.48 -3.10 56.09
N THR A 863 -17.37 -3.76 57.24
CA THR A 863 -16.30 -3.42 58.16
C THR A 863 -14.94 -3.76 57.56
N GLY A 864 -14.84 -4.93 56.92
CA GLY A 864 -13.61 -5.28 56.23
C GLY A 864 -13.23 -4.25 55.19
N VAL A 865 -14.21 -3.81 54.39
CA VAL A 865 -13.90 -2.82 53.35
C VAL A 865 -13.56 -1.47 53.97
N ALA A 866 -14.25 -1.08 55.04
CA ALA A 866 -13.97 0.17 55.71
C ALA A 866 -12.61 0.16 56.41
N GLY A 867 -12.02 -1.03 56.58
CA GLY A 867 -10.64 -1.07 57.06
C GLY A 867 -9.66 -0.35 56.15
N PHE A 868 -9.97 -0.26 54.85
CA PHE A 868 -9.06 0.34 53.87
C PHE A 868 -9.25 1.86 53.81
N THR A 869 -8.95 2.52 54.92
CA THR A 869 -9.25 3.95 55.03
C THR A 869 -8.49 4.78 54.00
N ASN A 870 -7.17 4.59 53.91
CA ASN A 870 -6.35 5.42 53.02
C ASN A 870 -6.69 5.17 51.55
N SER A 871 -6.79 3.89 51.17
CA SER A 871 -7.13 3.55 49.79
C SER A 871 -8.53 4.04 49.43
N LEU A 872 -9.47 3.95 50.38
CA LEU A 872 -10.81 4.45 50.10
C LEU A 872 -10.80 5.97 49.90
N ARG A 873 -10.00 6.69 50.68
CA ARG A 873 -9.85 8.12 50.44
C ARG A 873 -9.23 8.39 49.07
N MET A 874 -8.21 7.61 48.70
CA MET A 874 -7.57 7.79 47.40
C MET A 874 -8.58 7.60 46.27
N LEU A 875 -9.36 6.53 46.35
CA LEU A 875 -10.44 6.30 45.39
C LEU A 875 -11.38 7.50 45.35
N GLN A 876 -11.79 7.97 46.52
CA GLN A 876 -12.64 9.15 46.61
C GLN A 876 -12.02 10.35 45.89
N GLN A 877 -10.70 10.45 45.89
CA GLN A 877 -9.99 11.55 45.23
C GLN A 877 -9.59 11.20 43.80
N LYS A 878 -10.11 10.11 43.24
CA LYS A 878 -9.84 9.69 41.87
C LYS A 878 -8.34 9.51 41.61
N ARG A 879 -7.59 9.22 42.67
CA ARG A 879 -6.17 8.86 42.56
C ARG A 879 -6.06 7.35 42.34
N TRP A 880 -6.50 6.93 41.15
CA TRP A 880 -6.66 5.50 40.88
C TRP A 880 -5.33 4.75 40.97
N ASP A 881 -4.25 5.37 40.49
CA ASP A 881 -2.94 4.72 40.52
C ASP A 881 -2.54 4.36 41.94
N GLU A 882 -2.32 5.37 42.79
CA GLU A 882 -1.91 5.13 44.17
C GLU A 882 -2.90 4.24 44.91
N ALA A 883 -4.20 4.36 44.60
CA ALA A 883 -5.19 3.51 45.25
C ALA A 883 -4.95 2.03 44.91
N ALA A 884 -4.75 1.73 43.64
CA ALA A 884 -4.45 0.36 43.25
C ALA A 884 -3.17 -0.13 43.92
N VAL A 885 -2.12 0.71 43.90
CA VAL A 885 -0.85 0.34 44.54
C VAL A 885 -1.09 -0.05 45.99
N ASN A 886 -1.84 0.77 46.73
CA ASN A 886 -2.02 0.52 48.16
C ASN A 886 -2.89 -0.70 48.41
N LEU A 887 -3.95 -0.88 47.60
CA LEU A 887 -4.81 -2.04 47.79
C LEU A 887 -4.04 -3.33 47.57
N ALA A 888 -3.11 -3.34 46.61
CA ALA A 888 -2.35 -4.56 46.35
C ALA A 888 -1.43 -4.94 47.51
N LYS A 889 -1.15 -4.02 48.42
CA LYS A 889 -0.28 -4.30 49.56
C LYS A 889 -1.01 -4.95 50.73
N SER A 890 -2.27 -5.36 50.55
CA SER A 890 -3.12 -5.79 51.65
C SER A 890 -3.08 -7.31 51.83
N ARG A 891 -3.68 -7.76 52.93
CA ARG A 891 -3.86 -9.19 53.17
C ARG A 891 -4.91 -9.77 52.23
N TRP A 892 -5.93 -8.97 51.89
CA TRP A 892 -6.92 -9.36 50.90
C TRP A 892 -6.25 -9.82 49.61
N TYR A 893 -5.28 -9.04 49.12
CA TYR A 893 -4.57 -9.43 47.91
C TYR A 893 -3.79 -10.73 48.11
N ASN A 894 -3.14 -10.88 49.26
CA ASN A 894 -2.30 -12.05 49.49
C ASN A 894 -3.13 -13.33 49.54
N GLN A 895 -4.34 -13.26 50.10
CA GLN A 895 -5.14 -14.46 50.28
C GLN A 895 -5.82 -14.90 48.99
N THR A 896 -6.42 -13.96 48.27
CA THR A 896 -7.13 -14.23 47.02
C THR A 896 -6.59 -13.31 45.94
N PRO A 897 -5.41 -13.61 45.39
CA PRO A 897 -4.77 -12.65 44.47
C PRO A 897 -5.48 -12.45 43.14
N ASN A 898 -6.14 -13.48 42.60
CA ASN A 898 -6.76 -13.34 41.29
C ASN A 898 -7.99 -12.43 41.35
N ARG A 899 -8.89 -12.69 42.31
CA ARG A 899 -10.08 -11.84 42.44
C ARG A 899 -9.70 -10.44 42.91
N ALA A 900 -8.80 -10.34 43.88
CA ALA A 900 -8.33 -9.02 44.32
C ALA A 900 -7.70 -8.25 43.17
N LYS A 901 -6.94 -8.94 42.33
CA LYS A 901 -6.27 -8.28 41.21
C LYS A 901 -7.28 -7.80 40.18
N ARG A 902 -8.30 -8.61 39.90
CA ARG A 902 -9.38 -8.19 39.00
C ARG A 902 -10.07 -6.94 39.55
N VAL A 903 -10.44 -6.95 40.84
CA VAL A 903 -11.15 -5.82 41.41
C VAL A 903 -10.27 -4.57 41.43
N ILE A 904 -8.99 -4.73 41.76
CA ILE A 904 -8.05 -3.60 41.78
C ILE A 904 -7.88 -3.03 40.39
N THR A 905 -7.79 -3.90 39.38
CA THR A 905 -7.71 -3.42 38.00
C THR A 905 -8.96 -2.66 37.61
N THR A 906 -10.12 -3.13 38.06
CA THR A 906 -11.37 -2.40 37.82
C THR A 906 -11.32 -1.01 38.43
N PHE A 907 -10.75 -0.90 39.63
CA PHE A 907 -10.59 0.42 40.25
C PHE A 907 -9.65 1.30 39.45
N ARG A 908 -8.55 0.72 38.94
CA ARG A 908 -7.58 1.49 38.17
C ARG A 908 -8.21 2.04 36.90
N THR A 909 -8.71 1.17 36.03
CA THR A 909 -9.09 1.57 34.68
C THR A 909 -10.54 2.04 34.57
N GLY A 910 -11.40 1.66 35.52
CA GLY A 910 -12.80 2.01 35.41
C GLY A 910 -13.54 1.34 34.27
N THR A 911 -13.02 0.22 33.77
CA THR A 911 -13.68 -0.56 32.73
C THR A 911 -13.76 -2.02 33.19
N TRP A 912 -14.53 -2.81 32.45
CA TRP A 912 -14.74 -4.22 32.75
C TRP A 912 -13.68 -5.13 32.15
N ASP A 913 -12.55 -4.57 31.69
CA ASP A 913 -11.59 -5.33 30.90
C ASP A 913 -11.10 -6.58 31.63
N ALA A 914 -10.85 -6.48 32.93
CA ALA A 914 -10.33 -7.60 33.70
C ALA A 914 -11.32 -8.76 33.82
N TYR A 915 -12.58 -8.55 33.47
CA TYR A 915 -13.60 -9.59 33.49
C TYR A 915 -14.09 -9.99 32.11
N GLU A 916 -14.23 -9.01 31.21
CA GLU A 916 -14.68 -9.29 29.84
C GLU A 916 -13.80 -10.33 29.16
N PHE A 917 -12.52 -10.37 29.51
CA PHE A 917 -11.58 -11.35 28.97
C PHE A 917 -10.74 -11.87 30.12
N HIS A 918 -10.98 -13.11 30.53
CA HIS A 918 -10.18 -13.68 31.60
C HIS A 918 -10.10 -15.19 31.45
N LEU A 919 -9.16 -15.75 32.23
CA LEU A 919 -8.89 -17.21 32.30
C LEU A 919 -10.13 -17.92 32.86
N GLY A 920 -10.57 -18.95 32.13
CA GLY A 920 -11.70 -19.85 32.39
C GLY A 920 -12.59 -19.57 33.60
N GLY A 921 -12.30 -20.22 34.74
CA GLY A 921 -13.18 -20.24 35.89
C GLY A 921 -12.51 -20.53 37.21
N ILE A 922 -13.35 -20.52 38.25
CA ILE A 922 -12.94 -20.60 39.65
C ILE A 922 -13.36 -21.95 40.20
N LYS A 923 -12.67 -22.40 41.26
CA LYS A 923 -12.96 -23.71 41.85
C LYS A 923 -13.36 -23.69 43.32
N ALA A 924 -13.07 -22.63 44.06
CA ALA A 924 -13.48 -22.52 45.46
C ALA A 924 -14.63 -21.53 45.57
N PHE A 925 -15.79 -22.04 45.99
CA PHE A 925 -17.02 -21.25 46.03
C PHE A 925 -17.33 -20.88 47.48
N HIS A 926 -17.51 -19.59 47.73
CA HIS A 926 -17.83 -19.11 49.08
C HIS A 926 -18.97 -18.10 49.03
N HIS A 927 -19.94 -18.26 49.92
CA HIS A 927 -21.09 -17.36 49.96
C HIS A 927 -20.67 -15.97 50.43
N HIS A 928 -21.36 -14.96 49.91
CA HIS A 928 -21.01 -13.57 50.19
C HIS A 928 -21.86 -12.98 51.30
N HIS A 929 -21.37 -11.88 51.86
CA HIS A 929 -22.18 -11.10 52.78
C HIS A 929 -23.40 -10.54 52.07
N HIS A 930 -24.41 -10.18 52.85
CA HIS A 930 -25.66 -9.63 52.33
C HIS A 930 -26.44 -10.67 51.51
N HIS A 931 -26.49 -11.91 51.99
CA HIS A 931 -27.50 -12.85 51.52
C HIS A 931 -28.87 -12.32 51.94
N HIS A 932 -29.70 -12.00 50.96
CA HIS A 932 -30.97 -11.31 51.21
C HIS A 932 -32.11 -12.30 51.28
N HIS A 933 -32.88 -12.25 52.35
CA HIS A 933 -34.01 -13.12 52.57
C HIS A 933 -35.30 -12.30 52.63
N HIS A 934 -36.40 -12.96 52.35
CA HIS A 934 -37.72 -12.32 52.34
C HIS A 934 -38.78 -13.39 52.60
#